data_330D
# 
_entry.id   330D 
# 
_audit_conform.dict_name       mmcif_pdbx.dic 
_audit_conform.dict_version    5.389 
_audit_conform.dict_location   http://mmcif.pdb.org/dictionaries/ascii/mmcif_pdbx.dic 
# 
loop_
_database_2.database_id 
_database_2.database_code 
_database_2.pdbx_database_accession 
_database_2.pdbx_DOI 
PDB   330D         pdb_0000330d 10.2210/pdb330d/pdb 
RCSB  BDL035       ?            ?                   
WWPDB D_1000178799 ?            ?                   
# 
loop_
_pdbx_audit_revision_history.ordinal 
_pdbx_audit_revision_history.data_content_type 
_pdbx_audit_revision_history.major_revision 
_pdbx_audit_revision_history.minor_revision 
_pdbx_audit_revision_history.revision_date 
1 'Structure model' 1 0 1997-04-30 
2 'Structure model' 1 1 2008-05-22 
3 'Structure model' 1 2 2011-07-13 
4 'Structure model' 1 3 2019-07-17 
5 'Structure model' 1 4 2024-02-21 
6 'Structure model' 1 5 2024-04-03 
# 
_pdbx_audit_revision_details.ordinal             1 
_pdbx_audit_revision_details.revision_ordinal    1 
_pdbx_audit_revision_details.data_content_type   'Structure model' 
_pdbx_audit_revision_details.provider            repository 
_pdbx_audit_revision_details.type                'Initial release' 
_pdbx_audit_revision_details.description         ? 
_pdbx_audit_revision_details.details             ? 
# 
loop_
_pdbx_audit_revision_group.ordinal 
_pdbx_audit_revision_group.revision_ordinal 
_pdbx_audit_revision_group.data_content_type 
_pdbx_audit_revision_group.group 
1 2 'Structure model' 'Version format compliance' 
2 3 'Structure model' 'Version format compliance' 
3 4 'Structure model' 'Data collection'           
4 4 'Structure model' 'Refinement description'    
5 5 'Structure model' 'Data collection'           
6 5 'Structure model' 'Database references'       
7 6 'Structure model' 'Refinement description'    
# 
loop_
_pdbx_audit_revision_category.ordinal 
_pdbx_audit_revision_category.revision_ordinal 
_pdbx_audit_revision_category.data_content_type 
_pdbx_audit_revision_category.category 
1 4 'Structure model' software                      
2 5 'Structure model' chem_comp_atom                
3 5 'Structure model' chem_comp_bond                
4 5 'Structure model' database_2                    
5 6 'Structure model' pdbx_initial_refinement_model 
# 
loop_
_pdbx_audit_revision_item.ordinal 
_pdbx_audit_revision_item.revision_ordinal 
_pdbx_audit_revision_item.data_content_type 
_pdbx_audit_revision_item.item 
1 4 'Structure model' '_software.classification'            
2 4 'Structure model' '_software.name'                      
3 5 'Structure model' '_database_2.pdbx_DOI'                
4 5 'Structure model' '_database_2.pdbx_database_accession' 
# 
_pdbx_database_status.status_code                     REL 
_pdbx_database_status.entry_id                        330D 
_pdbx_database_status.recvd_initial_deposition_date   1997-04-29 
_pdbx_database_status.deposit_site                    NDB 
_pdbx_database_status.process_site                    NDB 
_pdbx_database_status.SG_entry                        . 
_pdbx_database_status.pdb_format_compatible           Y 
_pdbx_database_status.status_code_mr                  ? 
_pdbx_database_status.status_code_sf                  ? 
_pdbx_database_status.status_code_cs                  ? 
_pdbx_database_status.methods_development_category    ? 
_pdbx_database_status.status_code_nmr_data            ? 
# 
loop_
_audit_author.name 
_audit_author.pdbx_ordinal 
'Timsit, Y.'  1 
'Vilbois, E.' 2 
'Moras, D.'   3 
# 
loop_
_citation.id 
_citation.title 
_citation.journal_abbrev 
_citation.journal_volume 
_citation.page_first 
_citation.page_last 
_citation.year 
_citation.journal_id_ASTM 
_citation.country 
_citation.journal_id_ISSN 
_citation.journal_id_CSD 
_citation.book_publisher 
_citation.pdbx_database_id_PubMed 
_citation.pdbx_database_id_DOI 
primary 'Base-pairing shift in the major groove of (CA)n tracts by B-DNA crystal structures.' Nature      354 167 170 1991 NATUAS 
UK 0028-0836 0006 ? 1944598 10.1038/354167a0 
1       'Self-fitting and Self-modifying Properties of the B-DNA Molecule'                    J.Mol.Biol. 251 629 647 1995 JMOBAK 
UK 0022-2836 0070 ? ?       ?                
# 
loop_
_citation_author.citation_id 
_citation_author.name 
_citation_author.ordinal 
_citation_author.identifier_ORCID 
primary 'Timsit, Y.'  1 ? 
primary 'Vilbois, E.' 2 ? 
primary 'Moras, D.'   3 ? 
1       'Timsit, Y.'  4 ? 
1       'Moras, D.'   5 ? 
# 
loop_
_entity.id 
_entity.type 
_entity.src_method 
_entity.pdbx_description 
_entity.formula_weight 
_entity.pdbx_number_of_molecules 
_entity.pdbx_ec 
_entity.pdbx_mutation 
_entity.pdbx_fragment 
_entity.details 
1 polymer syn 
;DNA (5'-D(*AP*CP*CP*GP*CP*CP*GP*GP*CP*GP*CP*C)-3')
;
3609.345 1  ? ? ? ? 
2 polymer syn 
;DNA (5'-D(*GP*GP*CP*GP*CP*CP*GP*GP*CP*GP*GP*T)-3')
;
3720.403 1  ? ? ? ? 
3 water   nat water                                                18.015   52 ? ? ? ? 
# 
loop_
_entity_poly.entity_id 
_entity_poly.type 
_entity_poly.nstd_linkage 
_entity_poly.nstd_monomer 
_entity_poly.pdbx_seq_one_letter_code 
_entity_poly.pdbx_seq_one_letter_code_can 
_entity_poly.pdbx_strand_id 
_entity_poly.pdbx_target_identifier 
1 polydeoxyribonucleotide no no '(DA)(DC)(DC)(DG)(DC)(DC)(DG)(DG)(DC)(DG)(DC)(DC)' ACCGCCGGCGCC A ? 
2 polydeoxyribonucleotide no no '(DG)(DG)(DC)(DG)(DC)(DC)(DG)(DG)(DC)(DG)(DG)(DT)' GGCGCCGGCGGT B ? 
# 
_pdbx_entity_nonpoly.entity_id   3 
_pdbx_entity_nonpoly.name        water 
_pdbx_entity_nonpoly.comp_id     HOH 
# 
loop_
_entity_poly_seq.entity_id 
_entity_poly_seq.num 
_entity_poly_seq.mon_id 
_entity_poly_seq.hetero 
1 1  DA n 
1 2  DC n 
1 3  DC n 
1 4  DG n 
1 5  DC n 
1 6  DC n 
1 7  DG n 
1 8  DG n 
1 9  DC n 
1 10 DG n 
1 11 DC n 
1 12 DC n 
2 1  DG n 
2 2  DG n 
2 3  DC n 
2 4  DG n 
2 5  DC n 
2 6  DC n 
2 7  DG n 
2 8  DG n 
2 9  DC n 
2 10 DG n 
2 11 DG n 
2 12 DT n 
# 
loop_
_chem_comp.id 
_chem_comp.type 
_chem_comp.mon_nstd_flag 
_chem_comp.name 
_chem_comp.pdbx_synonyms 
_chem_comp.formula 
_chem_comp.formula_weight 
DA  'DNA linking' y "2'-DEOXYADENOSINE-5'-MONOPHOSPHATE" ? 'C10 H14 N5 O6 P' 331.222 
DC  'DNA linking' y "2'-DEOXYCYTIDINE-5'-MONOPHOSPHATE"  ? 'C9 H14 N3 O7 P'  307.197 
DG  'DNA linking' y "2'-DEOXYGUANOSINE-5'-MONOPHOSPHATE" ? 'C10 H14 N5 O7 P' 347.221 
DT  'DNA linking' y "THYMIDINE-5'-MONOPHOSPHATE"         ? 'C10 H15 N2 O8 P' 322.208 
HOH non-polymer   . WATER                                ? 'H2 O'            18.015  
# 
loop_
_pdbx_poly_seq_scheme.asym_id 
_pdbx_poly_seq_scheme.entity_id 
_pdbx_poly_seq_scheme.seq_id 
_pdbx_poly_seq_scheme.mon_id 
_pdbx_poly_seq_scheme.ndb_seq_num 
_pdbx_poly_seq_scheme.pdb_seq_num 
_pdbx_poly_seq_scheme.auth_seq_num 
_pdbx_poly_seq_scheme.pdb_mon_id 
_pdbx_poly_seq_scheme.auth_mon_id 
_pdbx_poly_seq_scheme.pdb_strand_id 
_pdbx_poly_seq_scheme.pdb_ins_code 
_pdbx_poly_seq_scheme.hetero 
A 1 1  DA 1  1  1  DA A A . n 
A 1 2  DC 2  2  2  DC C A . n 
A 1 3  DC 3  3  3  DC C A . n 
A 1 4  DG 4  4  4  DG G A . n 
A 1 5  DC 5  5  5  DC C A . n 
A 1 6  DC 6  6  6  DC C A . n 
A 1 7  DG 7  7  7  DG G A . n 
A 1 8  DG 8  8  8  DG G A . n 
A 1 9  DC 9  9  9  DC C A . n 
A 1 10 DG 10 10 10 DG G A . n 
A 1 11 DC 11 11 11 DC C A . n 
A 1 12 DC 12 12 12 DC C A . n 
B 2 1  DG 1  13 13 DG G B . n 
B 2 2  DG 2  14 14 DG G B . n 
B 2 3  DC 3  15 15 DC C B . n 
B 2 4  DG 4  16 16 DG G B . n 
B 2 5  DC 5  17 17 DC C B . n 
B 2 6  DC 6  18 18 DC C B . n 
B 2 7  DG 7  19 19 DG G B . n 
B 2 8  DG 8  20 20 DG G B . n 
B 2 9  DC 9  21 21 DC C B . n 
B 2 10 DG 10 22 22 DG G B . n 
B 2 11 DG 11 23 23 DG G B . n 
B 2 12 DT 12 24 24 DT T B . n 
# 
loop_
_pdbx_nonpoly_scheme.asym_id 
_pdbx_nonpoly_scheme.entity_id 
_pdbx_nonpoly_scheme.mon_id 
_pdbx_nonpoly_scheme.ndb_seq_num 
_pdbx_nonpoly_scheme.pdb_seq_num 
_pdbx_nonpoly_scheme.auth_seq_num 
_pdbx_nonpoly_scheme.pdb_mon_id 
_pdbx_nonpoly_scheme.auth_mon_id 
_pdbx_nonpoly_scheme.pdb_strand_id 
_pdbx_nonpoly_scheme.pdb_ins_code 
C 3 HOH 1  26 26 HOH HOH A . 
C 3 HOH 2  27 27 HOH HOH A . 
C 3 HOH 3  28 28 HOH HOH A . 
C 3 HOH 4  29 29 HOH HOH A . 
C 3 HOH 5  30 30 HOH HOH A . 
C 3 HOH 6  32 32 HOH HOH A . 
C 3 HOH 7  33 33 HOH HOH A . 
C 3 HOH 8  34 34 HOH HOH A . 
C 3 HOH 9  37 37 HOH HOH A . 
C 3 HOH 10 38 38 HOH HOH A . 
C 3 HOH 11 40 40 HOH HOH A . 
C 3 HOH 12 41 41 HOH HOH A . 
C 3 HOH 13 44 44 HOH HOH A . 
C 3 HOH 14 45 45 HOH HOH A . 
C 3 HOH 15 49 49 HOH HOH A . 
C 3 HOH 16 50 50 HOH HOH A . 
C 3 HOH 17 51 51 HOH HOH A . 
C 3 HOH 18 53 53 HOH HOH A . 
C 3 HOH 19 55 55 HOH HOH A . 
C 3 HOH 20 56 56 HOH HOH A . 
C 3 HOH 21 57 57 HOH HOH A . 
C 3 HOH 22 59 59 HOH HOH A . 
C 3 HOH 23 62 62 HOH HOH A . 
C 3 HOH 24 64 64 HOH HOH A . 
C 3 HOH 25 67 67 HOH HOH A . 
C 3 HOH 26 68 68 HOH HOH A . 
C 3 HOH 27 71 71 HOH HOH A . 
C 3 HOH 28 74 74 HOH HOH A . 
C 3 HOH 29 75 75 HOH HOH A . 
D 3 HOH 1  25 25 HOH HOH B . 
D 3 HOH 2  31 31 HOH HOH B . 
D 3 HOH 3  35 35 HOH HOH B . 
D 3 HOH 4  36 36 HOH HOH B . 
D 3 HOH 5  39 39 HOH HOH B . 
D 3 HOH 6  42 42 HOH HOH B . 
D 3 HOH 7  43 43 HOH HOH B . 
D 3 HOH 8  46 46 HOH HOH B . 
D 3 HOH 9  47 47 HOH HOH B . 
D 3 HOH 10 48 48 HOH HOH B . 
D 3 HOH 11 52 52 HOH HOH B . 
D 3 HOH 12 54 54 HOH HOH B . 
D 3 HOH 13 58 58 HOH HOH B . 
D 3 HOH 14 60 60 HOH HOH B . 
D 3 HOH 15 61 61 HOH HOH B . 
D 3 HOH 16 63 63 HOH HOH B . 
D 3 HOH 17 65 65 HOH HOH B . 
D 3 HOH 18 66 66 HOH HOH B . 
D 3 HOH 19 69 69 HOH HOH B . 
D 3 HOH 20 70 70 HOH HOH B . 
D 3 HOH 21 72 72 HOH HOH B . 
D 3 HOH 22 73 73 HOH HOH B . 
D 3 HOH 23 76 76 HOH HOH B . 
# 
loop_
_software.name 
_software.classification 
_software.version 
_software.citation_id 
_software.pdbx_ordinal 
X-PLOR refinement       . ? 1 
CORELS refinement       . ? 2 
ULTIMA 'model building' . ? 3 
XENGEN 'data reduction' . ? 4 
ULTIMA phasing          . ? 5 
# 
_cell.entry_id           330D 
_cell.length_a           65.890 
_cell.length_b           65.890 
_cell.length_c           47.090 
_cell.angle_alpha        90.00 
_cell.angle_beta         90.00 
_cell.angle_gamma        120.00 
_cell.Z_PDB              9 
_cell.pdbx_unique_axis   ? 
# 
_symmetry.entry_id                         330D 
_symmetry.space_group_name_H-M             'H 3' 
_symmetry.pdbx_full_space_group_name_H-M   ? 
_symmetry.cell_setting                     ? 
_symmetry.Int_Tables_number                146 
# 
_exptl.entry_id          330D 
_exptl.method            'X-RAY DIFFRACTION' 
_exptl.crystals_number   ? 
# 
_exptl_crystal.id                    1 
_exptl_crystal.density_meas          ? 
_exptl_crystal.density_Matthews      2.68 
_exptl_crystal.density_percent_sol   54.17 
_exptl_crystal.description           ? 
# 
_exptl_crystal_grow.crystal_id      1 
_exptl_crystal_grow.method          'VAPOR DIFFUSION' 
_exptl_crystal_grow.temp            277.00 
_exptl_crystal_grow.temp_details    ? 
_exptl_crystal_grow.pH              6.00 
_exptl_crystal_grow.pdbx_details    'pH 6.00, VAPOR DIFFUSION, temperature 277.00K' 
_exptl_crystal_grow.pdbx_pH_range   ? 
# 
loop_
_exptl_crystal_grow_comp.crystal_id 
_exptl_crystal_grow_comp.id 
_exptl_crystal_grow_comp.sol_id 
_exptl_crystal_grow_comp.name 
_exptl_crystal_grow_comp.volume 
_exptl_crystal_grow_comp.conc 
_exptl_crystal_grow_comp.details 
1 1 1 WATER        ? ? ? 
1 2 1 MPD          ? ? ? 
1 3 1 CACODYLATE   ? ? ? 
1 4 1 SPERMINE     ? ? ? 
1 5 1 'MG ACETATE' ? ? ? 
1 6 2 WATER        ? ? ? 
1 7 2 MPD          ? ? ? 
# 
_diffrn.id                     1 
_diffrn.ambient_temp           258.00 
_diffrn.ambient_temp_details   ? 
_diffrn.crystal_id             1 
# 
_diffrn_detector.diffrn_id              1 
_diffrn_detector.detector               'AREA DETECTOR' 
_diffrn_detector.type                   SIEMENS 
_diffrn_detector.pdbx_collection_date   ? 
_diffrn_detector.details                ? 
# 
_diffrn_radiation.diffrn_id                        1 
_diffrn_radiation.wavelength_id                    1 
_diffrn_radiation.pdbx_monochromatic_or_laue_m_l   ? 
_diffrn_radiation.monochromator                    ? 
_diffrn_radiation.pdbx_diffrn_protocol             ? 
_diffrn_radiation.pdbx_scattering_type             x-ray 
# 
_diffrn_radiation_wavelength.id           1 
_diffrn_radiation_wavelength.wavelength   . 
_diffrn_radiation_wavelength.wt           1.0 
# 
_diffrn_source.diffrn_id                   1 
_diffrn_source.source                      'ROTATING ANODE' 
_diffrn_source.type                        ? 
_diffrn_source.pdbx_synchrotron_site       ? 
_diffrn_source.pdbx_synchrotron_beamline   ? 
_diffrn_source.pdbx_wavelength             ? 
_diffrn_source.pdbx_wavelength_list        ? 
# 
_reflns.entry_id                     330D 
_reflns.observed_criterion_sigma_I   1.000 
_reflns.observed_criterion_sigma_F   ? 
_reflns.d_resolution_low             30.000 
_reflns.d_resolution_high            2.700 
_reflns.number_obs                   1710 
_reflns.number_all                   ? 
_reflns.percent_possible_obs         94.000 
_reflns.pdbx_Rmerge_I_obs            0.0540000 
_reflns.pdbx_Rsym_value              ? 
_reflns.pdbx_netI_over_sigmaI        ? 
_reflns.B_iso_Wilson_estimate        ? 
_reflns.pdbx_redundancy              4.100 
_reflns.pdbx_diffrn_id               1 
_reflns.pdbx_ordinal                 1 
# 
_refine.entry_id                                 330D 
_refine.ls_number_reflns_obs                     1378 
_refine.ls_number_reflns_all                     ? 
_refine.pdbx_ls_sigma_I                          ? 
_refine.pdbx_ls_sigma_F                          2.000 
_refine.pdbx_data_cutoff_high_absF               1000.000 
_refine.pdbx_data_cutoff_low_absF                0.0010 
_refine.pdbx_data_cutoff_high_rms_absF           ? 
_refine.ls_d_res_low                             7.000 
_refine.ls_d_res_high                            2.700 
_refine.ls_percent_reflns_obs                    69.700 
_refine.ls_R_factor_obs                          0.1700000 
_refine.ls_R_factor_all                          ? 
_refine.ls_R_factor_R_work                       0.1700000 
_refine.ls_R_factor_R_free                       ? 
_refine.ls_R_factor_R_free_error                 ? 
_refine.ls_R_factor_R_free_error_details         ? 
_refine.ls_percent_reflns_R_free                 ? 
_refine.ls_number_reflns_R_free                  ? 
_refine.ls_number_parameters                     ? 
_refine.ls_number_restraints                     ? 
_refine.occupancy_min                            ? 
_refine.occupancy_max                            ? 
_refine.B_iso_mean                               34.00 
_refine.aniso_B[1][1]                            ? 
_refine.aniso_B[2][2]                            ? 
_refine.aniso_B[3][3]                            ? 
_refine.aniso_B[1][2]                            ? 
_refine.aniso_B[1][3]                            ? 
_refine.aniso_B[2][3]                            ? 
_refine.solvent_model_details                    ? 
_refine.solvent_model_param_ksol                 ? 
_refine.solvent_model_param_bsol                 ? 
_refine.pdbx_ls_cross_valid_method               ? 
_refine.details                                  
;RE-REFINEMENT OF THE PUBLISHED STRUCTURE WITH NEW VERSION OF TOPOLOGY AND PARAMETERS FILES (1996), AND NEW VERSION OF X-PLOR (1997).
;
_refine.pdbx_starting_model                      'B-DNA DODECAMER' 
_refine.pdbx_method_to_determine_struct          'MOLECULAR REPLACEMENT' 
_refine.pdbx_isotropic_thermal_model             ? 
_refine.pdbx_stereochemistry_target_values       ? 
_refine.pdbx_stereochem_target_val_spec_case     ? 
_refine.pdbx_R_Free_selection_details            ? 
_refine.pdbx_overall_ESU_R                       ? 
_refine.pdbx_overall_ESU_R_Free                  ? 
_refine.overall_SU_ML                            ? 
_refine.overall_SU_B                             ? 
_refine.pdbx_refine_id                           'X-RAY DIFFRACTION' 
_refine.pdbx_diffrn_id                           1 
_refine.pdbx_TLS_residual_ADP_flag               ? 
_refine.correlation_coeff_Fo_to_Fc               ? 
_refine.correlation_coeff_Fo_to_Fc_free          ? 
_refine.pdbx_solvent_vdw_probe_radii             ? 
_refine.pdbx_solvent_ion_probe_radii             ? 
_refine.pdbx_solvent_shrinkage_radii             ? 
_refine.pdbx_overall_phase_error                 ? 
_refine.overall_SU_R_Cruickshank_DPI             ? 
_refine.pdbx_overall_SU_R_free_Cruickshank_DPI   ? 
_refine.pdbx_overall_SU_R_Blow_DPI               ? 
_refine.pdbx_overall_SU_R_free_Blow_DPI          ? 
# 
_refine_hist.pdbx_refine_id                   'X-RAY DIFFRACTION' 
_refine_hist.cycle_id                         LAST 
_refine_hist.pdbx_number_atoms_protein        0 
_refine_hist.pdbx_number_atoms_nucleic_acid   486 
_refine_hist.pdbx_number_atoms_ligand         0 
_refine_hist.number_atoms_solvent             52 
_refine_hist.number_atoms_total               538 
_refine_hist.d_res_high                       2.700 
_refine_hist.d_res_low                        7.000 
# 
loop_
_refine_ls_restr.type 
_refine_ls_restr.dev_ideal 
_refine_ls_restr.dev_ideal_target 
_refine_ls_restr.weight 
_refine_ls_restr.number 
_refine_ls_restr.pdbx_refine_id 
_refine_ls_restr.pdbx_restraint_function 
x_bond_d                0.006 ? ? ? 'X-RAY DIFFRACTION' ? 
x_bond_d_na             ?     ? ? ? 'X-RAY DIFFRACTION' ? 
x_bond_d_prot           ?     ? ? ? 'X-RAY DIFFRACTION' ? 
x_angle_d               ?     ? ? ? 'X-RAY DIFFRACTION' ? 
x_angle_d_na            ?     ? ? ? 'X-RAY DIFFRACTION' ? 
x_angle_d_prot          ?     ? ? ? 'X-RAY DIFFRACTION' ? 
x_angle_deg             1.27  ? ? ? 'X-RAY DIFFRACTION' ? 
x_angle_deg_na          ?     ? ? ? 'X-RAY DIFFRACTION' ? 
x_angle_deg_prot        ?     ? ? ? 'X-RAY DIFFRACTION' ? 
x_dihedral_angle_d      29.2  ? ? ? 'X-RAY DIFFRACTION' ? 
x_dihedral_angle_d_na   ?     ? ? ? 'X-RAY DIFFRACTION' ? 
x_dihedral_angle_d_prot ?     ? ? ? 'X-RAY DIFFRACTION' ? 
x_improper_angle_d      1.83  ? ? ? 'X-RAY DIFFRACTION' ? 
x_improper_angle_d_na   ?     ? ? ? 'X-RAY DIFFRACTION' ? 
x_improper_angle_d_prot ?     ? ? ? 'X-RAY DIFFRACTION' ? 
x_mcbond_it             ?     ? ? ? 'X-RAY DIFFRACTION' ? 
x_mcangle_it            ?     ? ? ? 'X-RAY DIFFRACTION' ? 
x_scbond_it             ?     ? ? ? 'X-RAY DIFFRACTION' ? 
x_scangle_it            ?     ? ? ? 'X-RAY DIFFRACTION' ? 
# 
loop_
_pdbx_xplor_file.serial_no 
_pdbx_xplor_file.param_file 
_pdbx_xplor_file.topol_file 
_pdbx_xplor_file.pdbx_refine_id 
1 DNA.PARAM   DNA.TOP    'X-RAY DIFFRACTION' 
2 PARAM19.SOL TOPH10.SOL 'X-RAY DIFFRACTION' 
# 
_struct.entry_id                  330D 
_struct.title                     'BASE-PAIRING SHIFT IN THE MAJOR GROOVE OF (CA)N TRACTS BY B-DNA CRYSTAL STRUCTURES' 
_struct.pdbx_model_details        ? 
_struct.pdbx_CASP_flag            ? 
_struct.pdbx_model_type_details   ? 
# 
_struct_keywords.entry_id        330D 
_struct_keywords.pdbx_keywords   DNA 
_struct_keywords.text            'B-DNA, DOUBLE HELIX, DNA' 
# 
loop_
_struct_asym.id 
_struct_asym.pdbx_blank_PDB_chainid_flag 
_struct_asym.pdbx_modified 
_struct_asym.entity_id 
_struct_asym.details 
A N N 1 ? 
B N N 2 ? 
C N N 3 ? 
D N N 3 ? 
# 
loop_
_struct_ref.id 
_struct_ref.entity_id 
_struct_ref.db_name 
_struct_ref.db_code 
_struct_ref.pdbx_db_accession 
_struct_ref.pdbx_db_isoform 
_struct_ref.pdbx_seq_one_letter_code 
_struct_ref.pdbx_align_begin 
1 1 PDB 330D 330D ? ? ? 
2 2 PDB 330D 330D ? ? ? 
# 
loop_
_struct_ref_seq.align_id 
_struct_ref_seq.ref_id 
_struct_ref_seq.pdbx_PDB_id_code 
_struct_ref_seq.pdbx_strand_id 
_struct_ref_seq.seq_align_beg 
_struct_ref_seq.pdbx_seq_align_beg_ins_code 
_struct_ref_seq.seq_align_end 
_struct_ref_seq.pdbx_seq_align_end_ins_code 
_struct_ref_seq.pdbx_db_accession 
_struct_ref_seq.db_align_beg 
_struct_ref_seq.pdbx_db_align_beg_ins_code 
_struct_ref_seq.db_align_end 
_struct_ref_seq.pdbx_db_align_end_ins_code 
_struct_ref_seq.pdbx_auth_seq_align_beg 
_struct_ref_seq.pdbx_auth_seq_align_end 
1 1 330D A 1 ? 12 ? 330D 1  ? 12 ? 1  12 
2 2 330D B 1 ? 12 ? 330D 13 ? 24 ? 13 24 
# 
_pdbx_struct_assembly.id                   1 
_pdbx_struct_assembly.details              author_defined_assembly 
_pdbx_struct_assembly.method_details       ? 
_pdbx_struct_assembly.oligomeric_details   dimeric 
_pdbx_struct_assembly.oligomeric_count     2 
# 
_pdbx_struct_assembly_gen.assembly_id       1 
_pdbx_struct_assembly_gen.oper_expression   1 
_pdbx_struct_assembly_gen.asym_id_list      A,B,C,D 
# 
_pdbx_struct_oper_list.id                   1 
_pdbx_struct_oper_list.type                 'identity operation' 
_pdbx_struct_oper_list.name                 1_555 
_pdbx_struct_oper_list.symmetry_operation   x,y,z 
_pdbx_struct_oper_list.matrix[1][1]         1.0000000000 
_pdbx_struct_oper_list.matrix[1][2]         0.0000000000 
_pdbx_struct_oper_list.matrix[1][3]         0.0000000000 
_pdbx_struct_oper_list.vector[1]            0.0000000000 
_pdbx_struct_oper_list.matrix[2][1]         0.0000000000 
_pdbx_struct_oper_list.matrix[2][2]         1.0000000000 
_pdbx_struct_oper_list.matrix[2][3]         0.0000000000 
_pdbx_struct_oper_list.vector[2]            0.0000000000 
_pdbx_struct_oper_list.matrix[3][1]         0.0000000000 
_pdbx_struct_oper_list.matrix[3][2]         0.0000000000 
_pdbx_struct_oper_list.matrix[3][3]         1.0000000000 
_pdbx_struct_oper_list.vector[3]            0.0000000000 
# 
_struct_biol.id   1 
# 
loop_
_struct_conn.id 
_struct_conn.conn_type_id 
_struct_conn.pdbx_leaving_atom_flag 
_struct_conn.pdbx_PDB_id 
_struct_conn.ptnr1_label_asym_id 
_struct_conn.ptnr1_label_comp_id 
_struct_conn.ptnr1_label_seq_id 
_struct_conn.ptnr1_label_atom_id 
_struct_conn.pdbx_ptnr1_label_alt_id 
_struct_conn.pdbx_ptnr1_PDB_ins_code 
_struct_conn.pdbx_ptnr1_standard_comp_id 
_struct_conn.ptnr1_symmetry 
_struct_conn.ptnr2_label_asym_id 
_struct_conn.ptnr2_label_comp_id 
_struct_conn.ptnr2_label_seq_id 
_struct_conn.ptnr2_label_atom_id 
_struct_conn.pdbx_ptnr2_label_alt_id 
_struct_conn.pdbx_ptnr2_PDB_ins_code 
_struct_conn.ptnr1_auth_asym_id 
_struct_conn.ptnr1_auth_comp_id 
_struct_conn.ptnr1_auth_seq_id 
_struct_conn.ptnr2_auth_asym_id 
_struct_conn.ptnr2_auth_comp_id 
_struct_conn.ptnr2_auth_seq_id 
_struct_conn.ptnr2_symmetry 
_struct_conn.pdbx_ptnr3_label_atom_id 
_struct_conn.pdbx_ptnr3_label_seq_id 
_struct_conn.pdbx_ptnr3_label_comp_id 
_struct_conn.pdbx_ptnr3_label_asym_id 
_struct_conn.pdbx_ptnr3_label_alt_id 
_struct_conn.pdbx_ptnr3_PDB_ins_code 
_struct_conn.details 
_struct_conn.pdbx_dist_value 
_struct_conn.pdbx_value_order 
_struct_conn.pdbx_role 
hydrog1  hydrog ? ? A DA 1  N1 ? ? ? 1_555 B DT 12 N3 ? ? A DA 1  B DT 24 1_555 ? ? ? ? ? ? WATSON-CRICK ? ? ? 
hydrog2  hydrog ? ? A DA 1  N6 ? ? ? 1_555 B DT 12 O4 ? ? A DA 1  B DT 24 1_555 ? ? ? ? ? ? WATSON-CRICK ? ? ? 
hydrog3  hydrog ? ? A DC 2  N3 ? ? ? 1_555 B DG 11 N1 ? ? A DC 2  B DG 23 1_555 ? ? ? ? ? ? WATSON-CRICK ? ? ? 
hydrog4  hydrog ? ? A DC 2  N4 ? ? ? 1_555 B DG 11 O6 ? ? A DC 2  B DG 23 1_555 ? ? ? ? ? ? WATSON-CRICK ? ? ? 
hydrog5  hydrog ? ? A DC 2  O2 ? ? ? 1_555 B DG 11 N2 ? ? A DC 2  B DG 23 1_555 ? ? ? ? ? ? WATSON-CRICK ? ? ? 
hydrog6  hydrog ? ? A DG 4  N1 ? ? ? 1_555 B DC 9  O2 ? ? A DG 4  B DC 21 1_555 ? ? ? ? ? ? 'DG-DC PAIR' ? ? ? 
hydrog7  hydrog ? ? A DC 5  N3 ? ? ? 1_555 B DG 8  N1 ? ? A DC 5  B DG 20 1_555 ? ? ? ? ? ? WATSON-CRICK ? ? ? 
hydrog8  hydrog ? ? A DC 5  N4 ? ? ? 1_555 B DG 8  O6 ? ? A DC 5  B DG 20 1_555 ? ? ? ? ? ? WATSON-CRICK ? ? ? 
hydrog9  hydrog ? ? A DC 5  O2 ? ? ? 1_555 B DG 8  N2 ? ? A DC 5  B DG 20 1_555 ? ? ? ? ? ? WATSON-CRICK ? ? ? 
hydrog10 hydrog ? ? A DC 6  N3 ? ? ? 1_555 B DG 7  N1 ? ? A DC 6  B DG 19 1_555 ? ? ? ? ? ? WATSON-CRICK ? ? ? 
hydrog11 hydrog ? ? A DC 6  N4 ? ? ? 1_555 B DG 7  O6 ? ? A DC 6  B DG 19 1_555 ? ? ? ? ? ? WATSON-CRICK ? ? ? 
hydrog12 hydrog ? ? A DC 6  O2 ? ? ? 1_555 B DG 7  N2 ? ? A DC 6  B DG 19 1_555 ? ? ? ? ? ? WATSON-CRICK ? ? ? 
hydrog13 hydrog ? ? A DG 7  N1 ? ? ? 1_555 B DC 6  N3 ? ? A DG 7  B DC 18 1_555 ? ? ? ? ? ? WATSON-CRICK ? ? ? 
hydrog14 hydrog ? ? A DG 7  N2 ? ? ? 1_555 B DC 6  O2 ? ? A DG 7  B DC 18 1_555 ? ? ? ? ? ? WATSON-CRICK ? ? ? 
hydrog15 hydrog ? ? A DG 7  O6 ? ? ? 1_555 B DC 6  N4 ? ? A DG 7  B DC 18 1_555 ? ? ? ? ? ? WATSON-CRICK ? ? ? 
hydrog16 hydrog ? ? A DG 8  N1 ? ? ? 1_555 B DC 5  N3 ? ? A DG 8  B DC 17 1_555 ? ? ? ? ? ? WATSON-CRICK ? ? ? 
hydrog17 hydrog ? ? A DG 8  N2 ? ? ? 1_555 B DC 5  O2 ? ? A DG 8  B DC 17 1_555 ? ? ? ? ? ? WATSON-CRICK ? ? ? 
hydrog18 hydrog ? ? A DG 8  O6 ? ? ? 1_555 B DC 5  N4 ? ? A DG 8  B DC 17 1_555 ? ? ? ? ? ? WATSON-CRICK ? ? ? 
hydrog19 hydrog ? ? A DC 9  O2 ? ? ? 1_555 B DG 4  N1 ? ? A DC 9  B DG 16 1_555 ? ? ? ? ? ? 'DC-DG PAIR' ? ? ? 
hydrog20 hydrog ? ? A DG 10 N1 ? ? ? 1_555 B DC 3  N3 ? ? A DG 10 B DC 15 1_555 ? ? ? ? ? ? WATSON-CRICK ? ? ? 
hydrog21 hydrog ? ? A DG 10 N2 ? ? ? 1_555 B DC 3  O2 ? ? A DG 10 B DC 15 1_555 ? ? ? ? ? ? WATSON-CRICK ? ? ? 
hydrog22 hydrog ? ? A DG 10 O6 ? ? ? 1_555 B DC 3  N4 ? ? A DG 10 B DC 15 1_555 ? ? ? ? ? ? WATSON-CRICK ? ? ? 
hydrog23 hydrog ? ? A DC 11 N3 ? ? ? 1_555 B DG 2  N1 ? ? A DC 11 B DG 14 1_555 ? ? ? ? ? ? WATSON-CRICK ? ? ? 
hydrog24 hydrog ? ? A DC 11 N4 ? ? ? 1_555 B DG 2  O6 ? ? A DC 11 B DG 14 1_555 ? ? ? ? ? ? WATSON-CRICK ? ? ? 
hydrog25 hydrog ? ? A DC 11 O2 ? ? ? 1_555 B DG 2  N2 ? ? A DC 11 B DG 14 1_555 ? ? ? ? ? ? WATSON-CRICK ? ? ? 
hydrog26 hydrog ? ? A DC 12 N3 ? ? ? 1_555 B DG 1  N1 ? ? A DC 12 B DG 13 1_555 ? ? ? ? ? ? WATSON-CRICK ? ? ? 
hydrog27 hydrog ? ? A DC 12 N4 ? ? ? 1_555 B DG 1  O6 ? ? A DC 12 B DG 13 1_555 ? ? ? ? ? ? WATSON-CRICK ? ? ? 
hydrog28 hydrog ? ? A DC 12 O2 ? ? ? 1_555 B DG 1  N2 ? ? A DC 12 B DG 13 1_555 ? ? ? ? ? ? WATSON-CRICK ? ? ? 
# 
_struct_conn_type.id          hydrog 
_struct_conn_type.criteria    ? 
_struct_conn_type.reference   ? 
# 
loop_
_pdbx_validate_planes.id 
_pdbx_validate_planes.PDB_model_num 
_pdbx_validate_planes.auth_comp_id 
_pdbx_validate_planes.auth_asym_id 
_pdbx_validate_planes.auth_seq_id 
_pdbx_validate_planes.PDB_ins_code 
_pdbx_validate_planes.label_alt_id 
_pdbx_validate_planes.rmsd 
_pdbx_validate_planes.type 
1 1 DC A 2  ? ? 0.077 'SIDE CHAIN' 
2 1 DG B 19 ? ? 0.057 'SIDE CHAIN' 
# 
loop_
_refine_B_iso.class 
_refine_B_iso.details 
_refine_B_iso.treatment 
_refine_B_iso.pdbx_refine_id 
'ALL ATOMS'  TR isotropic 'X-RAY DIFFRACTION' 
'ALL WATERS' TR isotropic 'X-RAY DIFFRACTION' 
# 
loop_
_refine_occupancy.class 
_refine_occupancy.treatment 
_refine_occupancy.pdbx_refine_id 
'ALL ATOMS'  fix 'X-RAY DIFFRACTION' 
'ALL WATERS' fix 'X-RAY DIFFRACTION' 
# 
loop_
_chem_comp_atom.comp_id 
_chem_comp_atom.atom_id 
_chem_comp_atom.type_symbol 
_chem_comp_atom.pdbx_aromatic_flag 
_chem_comp_atom.pdbx_stereo_config 
_chem_comp_atom.pdbx_ordinal 
DA  OP3    O N N 1   
DA  P      P N N 2   
DA  OP1    O N N 3   
DA  OP2    O N N 4   
DA  "O5'"  O N N 5   
DA  "C5'"  C N N 6   
DA  "C4'"  C N R 7   
DA  "O4'"  O N N 8   
DA  "C3'"  C N S 9   
DA  "O3'"  O N N 10  
DA  "C2'"  C N N 11  
DA  "C1'"  C N R 12  
DA  N9     N Y N 13  
DA  C8     C Y N 14  
DA  N7     N Y N 15  
DA  C5     C Y N 16  
DA  C6     C Y N 17  
DA  N6     N N N 18  
DA  N1     N Y N 19  
DA  C2     C Y N 20  
DA  N3     N Y N 21  
DA  C4     C Y N 22  
DA  HOP3   H N N 23  
DA  HOP2   H N N 24  
DA  "H5'"  H N N 25  
DA  "H5''" H N N 26  
DA  "H4'"  H N N 27  
DA  "H3'"  H N N 28  
DA  "HO3'" H N N 29  
DA  "H2'"  H N N 30  
DA  "H2''" H N N 31  
DA  "H1'"  H N N 32  
DA  H8     H N N 33  
DA  H61    H N N 34  
DA  H62    H N N 35  
DA  H2     H N N 36  
DC  OP3    O N N 37  
DC  P      P N N 38  
DC  OP1    O N N 39  
DC  OP2    O N N 40  
DC  "O5'"  O N N 41  
DC  "C5'"  C N N 42  
DC  "C4'"  C N R 43  
DC  "O4'"  O N N 44  
DC  "C3'"  C N S 45  
DC  "O3'"  O N N 46  
DC  "C2'"  C N N 47  
DC  "C1'"  C N R 48  
DC  N1     N N N 49  
DC  C2     C N N 50  
DC  O2     O N N 51  
DC  N3     N N N 52  
DC  C4     C N N 53  
DC  N4     N N N 54  
DC  C5     C N N 55  
DC  C6     C N N 56  
DC  HOP3   H N N 57  
DC  HOP2   H N N 58  
DC  "H5'"  H N N 59  
DC  "H5''" H N N 60  
DC  "H4'"  H N N 61  
DC  "H3'"  H N N 62  
DC  "HO3'" H N N 63  
DC  "H2'"  H N N 64  
DC  "H2''" H N N 65  
DC  "H1'"  H N N 66  
DC  H41    H N N 67  
DC  H42    H N N 68  
DC  H5     H N N 69  
DC  H6     H N N 70  
DG  OP3    O N N 71  
DG  P      P N N 72  
DG  OP1    O N N 73  
DG  OP2    O N N 74  
DG  "O5'"  O N N 75  
DG  "C5'"  C N N 76  
DG  "C4'"  C N R 77  
DG  "O4'"  O N N 78  
DG  "C3'"  C N S 79  
DG  "O3'"  O N N 80  
DG  "C2'"  C N N 81  
DG  "C1'"  C N R 82  
DG  N9     N Y N 83  
DG  C8     C Y N 84  
DG  N7     N Y N 85  
DG  C5     C Y N 86  
DG  C6     C N N 87  
DG  O6     O N N 88  
DG  N1     N N N 89  
DG  C2     C N N 90  
DG  N2     N N N 91  
DG  N3     N N N 92  
DG  C4     C Y N 93  
DG  HOP3   H N N 94  
DG  HOP2   H N N 95  
DG  "H5'"  H N N 96  
DG  "H5''" H N N 97  
DG  "H4'"  H N N 98  
DG  "H3'"  H N N 99  
DG  "HO3'" H N N 100 
DG  "H2'"  H N N 101 
DG  "H2''" H N N 102 
DG  "H1'"  H N N 103 
DG  H8     H N N 104 
DG  H1     H N N 105 
DG  H21    H N N 106 
DG  H22    H N N 107 
DT  OP3    O N N 108 
DT  P      P N N 109 
DT  OP1    O N N 110 
DT  OP2    O N N 111 
DT  "O5'"  O N N 112 
DT  "C5'"  C N N 113 
DT  "C4'"  C N R 114 
DT  "O4'"  O N N 115 
DT  "C3'"  C N S 116 
DT  "O3'"  O N N 117 
DT  "C2'"  C N N 118 
DT  "C1'"  C N R 119 
DT  N1     N N N 120 
DT  C2     C N N 121 
DT  O2     O N N 122 
DT  N3     N N N 123 
DT  C4     C N N 124 
DT  O4     O N N 125 
DT  C5     C N N 126 
DT  C7     C N N 127 
DT  C6     C N N 128 
DT  HOP3   H N N 129 
DT  HOP2   H N N 130 
DT  "H5'"  H N N 131 
DT  "H5''" H N N 132 
DT  "H4'"  H N N 133 
DT  "H3'"  H N N 134 
DT  "HO3'" H N N 135 
DT  "H2'"  H N N 136 
DT  "H2''" H N N 137 
DT  "H1'"  H N N 138 
DT  H3     H N N 139 
DT  H71    H N N 140 
DT  H72    H N N 141 
DT  H73    H N N 142 
DT  H6     H N N 143 
HOH O      O N N 144 
HOH H1     H N N 145 
HOH H2     H N N 146 
# 
loop_
_chem_comp_bond.comp_id 
_chem_comp_bond.atom_id_1 
_chem_comp_bond.atom_id_2 
_chem_comp_bond.value_order 
_chem_comp_bond.pdbx_aromatic_flag 
_chem_comp_bond.pdbx_stereo_config 
_chem_comp_bond.pdbx_ordinal 
DA  OP3   P      sing N N 1   
DA  OP3   HOP3   sing N N 2   
DA  P     OP1    doub N N 3   
DA  P     OP2    sing N N 4   
DA  P     "O5'"  sing N N 5   
DA  OP2   HOP2   sing N N 6   
DA  "O5'" "C5'"  sing N N 7   
DA  "C5'" "C4'"  sing N N 8   
DA  "C5'" "H5'"  sing N N 9   
DA  "C5'" "H5''" sing N N 10  
DA  "C4'" "O4'"  sing N N 11  
DA  "C4'" "C3'"  sing N N 12  
DA  "C4'" "H4'"  sing N N 13  
DA  "O4'" "C1'"  sing N N 14  
DA  "C3'" "O3'"  sing N N 15  
DA  "C3'" "C2'"  sing N N 16  
DA  "C3'" "H3'"  sing N N 17  
DA  "O3'" "HO3'" sing N N 18  
DA  "C2'" "C1'"  sing N N 19  
DA  "C2'" "H2'"  sing N N 20  
DA  "C2'" "H2''" sing N N 21  
DA  "C1'" N9     sing N N 22  
DA  "C1'" "H1'"  sing N N 23  
DA  N9    C8     sing Y N 24  
DA  N9    C4     sing Y N 25  
DA  C8    N7     doub Y N 26  
DA  C8    H8     sing N N 27  
DA  N7    C5     sing Y N 28  
DA  C5    C6     sing Y N 29  
DA  C5    C4     doub Y N 30  
DA  C6    N6     sing N N 31  
DA  C6    N1     doub Y N 32  
DA  N6    H61    sing N N 33  
DA  N6    H62    sing N N 34  
DA  N1    C2     sing Y N 35  
DA  C2    N3     doub Y N 36  
DA  C2    H2     sing N N 37  
DA  N3    C4     sing Y N 38  
DC  OP3   P      sing N N 39  
DC  OP3   HOP3   sing N N 40  
DC  P     OP1    doub N N 41  
DC  P     OP2    sing N N 42  
DC  P     "O5'"  sing N N 43  
DC  OP2   HOP2   sing N N 44  
DC  "O5'" "C5'"  sing N N 45  
DC  "C5'" "C4'"  sing N N 46  
DC  "C5'" "H5'"  sing N N 47  
DC  "C5'" "H5''" sing N N 48  
DC  "C4'" "O4'"  sing N N 49  
DC  "C4'" "C3'"  sing N N 50  
DC  "C4'" "H4'"  sing N N 51  
DC  "O4'" "C1'"  sing N N 52  
DC  "C3'" "O3'"  sing N N 53  
DC  "C3'" "C2'"  sing N N 54  
DC  "C3'" "H3'"  sing N N 55  
DC  "O3'" "HO3'" sing N N 56  
DC  "C2'" "C1'"  sing N N 57  
DC  "C2'" "H2'"  sing N N 58  
DC  "C2'" "H2''" sing N N 59  
DC  "C1'" N1     sing N N 60  
DC  "C1'" "H1'"  sing N N 61  
DC  N1    C2     sing N N 62  
DC  N1    C6     sing N N 63  
DC  C2    O2     doub N N 64  
DC  C2    N3     sing N N 65  
DC  N3    C4     doub N N 66  
DC  C4    N4     sing N N 67  
DC  C4    C5     sing N N 68  
DC  N4    H41    sing N N 69  
DC  N4    H42    sing N N 70  
DC  C5    C6     doub N N 71  
DC  C5    H5     sing N N 72  
DC  C6    H6     sing N N 73  
DG  OP3   P      sing N N 74  
DG  OP3   HOP3   sing N N 75  
DG  P     OP1    doub N N 76  
DG  P     OP2    sing N N 77  
DG  P     "O5'"  sing N N 78  
DG  OP2   HOP2   sing N N 79  
DG  "O5'" "C5'"  sing N N 80  
DG  "C5'" "C4'"  sing N N 81  
DG  "C5'" "H5'"  sing N N 82  
DG  "C5'" "H5''" sing N N 83  
DG  "C4'" "O4'"  sing N N 84  
DG  "C4'" "C3'"  sing N N 85  
DG  "C4'" "H4'"  sing N N 86  
DG  "O4'" "C1'"  sing N N 87  
DG  "C3'" "O3'"  sing N N 88  
DG  "C3'" "C2'"  sing N N 89  
DG  "C3'" "H3'"  sing N N 90  
DG  "O3'" "HO3'" sing N N 91  
DG  "C2'" "C1'"  sing N N 92  
DG  "C2'" "H2'"  sing N N 93  
DG  "C2'" "H2''" sing N N 94  
DG  "C1'" N9     sing N N 95  
DG  "C1'" "H1'"  sing N N 96  
DG  N9    C8     sing Y N 97  
DG  N9    C4     sing Y N 98  
DG  C8    N7     doub Y N 99  
DG  C8    H8     sing N N 100 
DG  N7    C5     sing Y N 101 
DG  C5    C6     sing N N 102 
DG  C5    C4     doub Y N 103 
DG  C6    O6     doub N N 104 
DG  C6    N1     sing N N 105 
DG  N1    C2     sing N N 106 
DG  N1    H1     sing N N 107 
DG  C2    N2     sing N N 108 
DG  C2    N3     doub N N 109 
DG  N2    H21    sing N N 110 
DG  N2    H22    sing N N 111 
DG  N3    C4     sing N N 112 
DT  OP3   P      sing N N 113 
DT  OP3   HOP3   sing N N 114 
DT  P     OP1    doub N N 115 
DT  P     OP2    sing N N 116 
DT  P     "O5'"  sing N N 117 
DT  OP2   HOP2   sing N N 118 
DT  "O5'" "C5'"  sing N N 119 
DT  "C5'" "C4'"  sing N N 120 
DT  "C5'" "H5'"  sing N N 121 
DT  "C5'" "H5''" sing N N 122 
DT  "C4'" "O4'"  sing N N 123 
DT  "C4'" "C3'"  sing N N 124 
DT  "C4'" "H4'"  sing N N 125 
DT  "O4'" "C1'"  sing N N 126 
DT  "C3'" "O3'"  sing N N 127 
DT  "C3'" "C2'"  sing N N 128 
DT  "C3'" "H3'"  sing N N 129 
DT  "O3'" "HO3'" sing N N 130 
DT  "C2'" "C1'"  sing N N 131 
DT  "C2'" "H2'"  sing N N 132 
DT  "C2'" "H2''" sing N N 133 
DT  "C1'" N1     sing N N 134 
DT  "C1'" "H1'"  sing N N 135 
DT  N1    C2     sing N N 136 
DT  N1    C6     sing N N 137 
DT  C2    O2     doub N N 138 
DT  C2    N3     sing N N 139 
DT  N3    C4     sing N N 140 
DT  N3    H3     sing N N 141 
DT  C4    O4     doub N N 142 
DT  C4    C5     sing N N 143 
DT  C5    C7     sing N N 144 
DT  C5    C6     doub N N 145 
DT  C7    H71    sing N N 146 
DT  C7    H72    sing N N 147 
DT  C7    H73    sing N N 148 
DT  C6    H6     sing N N 149 
HOH O     H1     sing N N 150 
HOH O     H2     sing N N 151 
# 
loop_
_ndb_struct_conf_na.entry_id 
_ndb_struct_conf_na.feature 
330D 'double helix'         
330D 'b-form double helix'  
330D 'mismatched base pair' 
# 
loop_
_ndb_struct_na_base_pair.model_number 
_ndb_struct_na_base_pair.i_label_asym_id 
_ndb_struct_na_base_pair.i_label_comp_id 
_ndb_struct_na_base_pair.i_label_seq_id 
_ndb_struct_na_base_pair.i_symmetry 
_ndb_struct_na_base_pair.j_label_asym_id 
_ndb_struct_na_base_pair.j_label_comp_id 
_ndb_struct_na_base_pair.j_label_seq_id 
_ndb_struct_na_base_pair.j_symmetry 
_ndb_struct_na_base_pair.shear 
_ndb_struct_na_base_pair.stretch 
_ndb_struct_na_base_pair.stagger 
_ndb_struct_na_base_pair.buckle 
_ndb_struct_na_base_pair.propeller 
_ndb_struct_na_base_pair.opening 
_ndb_struct_na_base_pair.pair_number 
_ndb_struct_na_base_pair.pair_name 
_ndb_struct_na_base_pair.i_auth_asym_id 
_ndb_struct_na_base_pair.i_auth_seq_id 
_ndb_struct_na_base_pair.i_PDB_ins_code 
_ndb_struct_na_base_pair.j_auth_asym_id 
_ndb_struct_na_base_pair.j_auth_seq_id 
_ndb_struct_na_base_pair.j_PDB_ins_code 
_ndb_struct_na_base_pair.hbond_type_28 
_ndb_struct_na_base_pair.hbond_type_12 
1 A DA 1  1_555 B DT 12 1_555 -0.079 -0.428 0.582  0.650   -14.569 -0.864 1  A_DA1:DT24_B  A 1  ? B 24 ? 20 1 
1 A DC 2  1_555 B DG 11 1_555 -0.217 -0.317 -0.386 4.889   -28.577 15.412 2  A_DC2:DG23_B  A 2  ? B 23 ? 19 1 
1 A DG 4  1_555 B DC 9  1_555 -0.667 -0.099 1.908  31.405  -1.985  9.580  3  A_DG4:DC21_B  A 4  ? B 21 ? ?  1 
1 A DC 5  1_555 B DG 8  1_555 -0.595 0.192  0.266  1.118   -18.120 2.273  4  A_DC5:DG20_B  A 5  ? B 20 ? 19 1 
1 A DC 6  1_555 B DG 7  1_555 0.940  -0.283 0.234  7.737   -9.642  0.898  5  A_DC6:DG19_B  A 6  ? B 19 ? 19 1 
1 A DG 7  1_555 B DC 6  1_555 -0.084 -0.307 -0.277 -13.921 -12.984 0.559  6  A_DG7:DC18_B  A 7  ? B 18 ? 19 1 
1 A DG 8  1_555 B DC 5  1_555 0.365  0.222  -0.504 -9.996  -12.643 -4.283 7  A_DG8:DC17_B  A 8  ? B 17 ? 19 1 
1 A DC 9  1_555 B DG 4  1_555 2.145  -0.328 0.231  -13.648 -7.228  13.917 8  A_DC9:DG16_B  A 9  ? B 16 ? ?  1 
1 A DG 10 1_555 B DC 3  1_555 -0.365 0.151  -0.322 -14.751 -22.459 -3.127 9  A_DG10:DC15_B A 10 ? B 15 ? 19 1 
1 A DC 11 1_555 B DG 2  1_555 0.514  -0.517 -0.203 1.355   -4.089  -0.034 10 A_DC11:DG14_B A 11 ? B 14 ? 19 1 
1 A DC 12 1_555 B DG 1  1_555 -0.919 -0.273 0.114  -9.163  -6.106  1.044  11 A_DC12:DG13_B A 12 ? B 13 ? 19 1 
# 
loop_
_ndb_struct_na_base_pair_step.model_number 
_ndb_struct_na_base_pair_step.i_label_asym_id_1 
_ndb_struct_na_base_pair_step.i_label_comp_id_1 
_ndb_struct_na_base_pair_step.i_label_seq_id_1 
_ndb_struct_na_base_pair_step.i_symmetry_1 
_ndb_struct_na_base_pair_step.j_label_asym_id_1 
_ndb_struct_na_base_pair_step.j_label_comp_id_1 
_ndb_struct_na_base_pair_step.j_label_seq_id_1 
_ndb_struct_na_base_pair_step.j_symmetry_1 
_ndb_struct_na_base_pair_step.i_label_asym_id_2 
_ndb_struct_na_base_pair_step.i_label_comp_id_2 
_ndb_struct_na_base_pair_step.i_label_seq_id_2 
_ndb_struct_na_base_pair_step.i_symmetry_2 
_ndb_struct_na_base_pair_step.j_label_asym_id_2 
_ndb_struct_na_base_pair_step.j_label_comp_id_2 
_ndb_struct_na_base_pair_step.j_label_seq_id_2 
_ndb_struct_na_base_pair_step.j_symmetry_2 
_ndb_struct_na_base_pair_step.shift 
_ndb_struct_na_base_pair_step.slide 
_ndb_struct_na_base_pair_step.rise 
_ndb_struct_na_base_pair_step.tilt 
_ndb_struct_na_base_pair_step.roll 
_ndb_struct_na_base_pair_step.twist 
_ndb_struct_na_base_pair_step.x_displacement 
_ndb_struct_na_base_pair_step.y_displacement 
_ndb_struct_na_base_pair_step.helical_rise 
_ndb_struct_na_base_pair_step.inclination 
_ndb_struct_na_base_pair_step.tip 
_ndb_struct_na_base_pair_step.helical_twist 
_ndb_struct_na_base_pair_step.step_number 
_ndb_struct_na_base_pair_step.step_name 
_ndb_struct_na_base_pair_step.i_auth_asym_id_1 
_ndb_struct_na_base_pair_step.i_auth_seq_id_1 
_ndb_struct_na_base_pair_step.i_PDB_ins_code_1 
_ndb_struct_na_base_pair_step.j_auth_asym_id_1 
_ndb_struct_na_base_pair_step.j_auth_seq_id_1 
_ndb_struct_na_base_pair_step.j_PDB_ins_code_1 
_ndb_struct_na_base_pair_step.i_auth_asym_id_2 
_ndb_struct_na_base_pair_step.i_auth_seq_id_2 
_ndb_struct_na_base_pair_step.i_PDB_ins_code_2 
_ndb_struct_na_base_pair_step.j_auth_asym_id_2 
_ndb_struct_na_base_pair_step.j_auth_seq_id_2 
_ndb_struct_na_base_pair_step.j_PDB_ins_code_2 
1 A DA 1  1_555 B DT 12 1_555 A DC 2  1_555 B DG 11 1_555 0.573  -0.111 2.901 14.149  2.886  33.978 -0.538 0.868  2.888 4.685   
-22.968 36.836 1  AA_DA1DC2:DG23DT24_BB   A 1  ? B 24 ? A 2  ? B 23 ? 
1 A DC 2  1_555 B DG 11 1_555 A DG 4  1_555 B DC 9  1_555 0.713  1.320  6.089 -16.685 11.462 68.083 0.388  -1.712 5.933 10.015  
14.578  70.679 2  AA_DC2DG4:DC21DG23_BB   A 2  ? B 23 ? A 4  ? B 21 ? 
1 A DG 4  1_555 B DC 9  1_555 A DC 5  1_555 B DG 8  1_555 -0.464 -0.075 4.259 8.978   -2.027 37.023 0.216  2.175  4.040 -3.134  
-13.876 38.111 3  AA_DG4DC5:DG20DC21_BB   A 4  ? B 21 ? A 5  ? B 20 ? 
1 A DC 5  1_555 B DG 8  1_555 A DC 6  1_555 B DG 7  1_555 0.638  1.273  3.496 3.357   -5.058 41.934 2.307  -0.521 3.366 -7.024  
-4.661  42.352 4  AA_DC5DC6:DG19DG20_BB   A 5  ? B 20 ? A 6  ? B 19 ? 
1 A DC 6  1_555 B DG 7  1_555 A DG 7  1_555 B DC 6  1_555 -0.025 1.669  3.732 8.459   16.583 34.239 -0.042 1.339  3.990 25.930  
-13.227 38.839 5  AA_DC6DG7:DC18DG19_BB   A 6  ? B 19 ? A 7  ? B 18 ? 
1 A DG 7  1_555 B DC 6  1_555 A DG 8  1_555 B DC 5  1_555 -1.214 -0.011 3.365 -7.791  10.497 30.458 -1.927 0.716  3.380 18.923  
14.046  33.084 6  AA_DG7DG8:DC17DC18_BB   A 7  ? B 18 ? A 8  ? B 17 ? 
1 A DG 8  1_555 B DC 5  1_555 A DC 9  1_555 B DG 4  1_555 1.120  0.797  3.354 -3.977  -8.677 45.859 1.719  -1.738 3.061 -10.995 
5.040   46.789 7  AA_DG8DC9:DG16DC17_BB   A 8  ? B 17 ? A 9  ? B 16 ? 
1 A DC 9  1_555 B DG 4  1_555 A DG 10 1_555 B DC 3  1_555 -0.962 1.069  3.554 4.774   9.518  24.549 -0.465 3.473  3.474 21.159  
-10.613 26.726 8  AA_DC9DG10:DC15DG16_BB  A 9  ? B 16 ? A 10 ? B 15 ? 
1 A DG 10 1_555 B DC 3  1_555 A DC 11 1_555 B DG 2  1_555 0.162  0.078  2.877 -0.709  3.154  38.769 -0.219 -0.320 2.871 4.741   
1.066   38.898 9  AA_DG10DC11:DG14DC15_BB A 10 ? B 15 ? A 11 ? B 14 ? 
1 A DC 11 1_555 B DG 2  1_555 A DC 12 1_555 B DG 1  1_555 0.193  -0.137 3.599 -7.041  12.779 27.458 -2.935 -1.836 3.095 24.824  
13.679  31.027 10 AA_DC11DC12:DG13DG14_BB A 11 ? B 14 ? A 12 ? B 13 ? 
# 
_pdbx_initial_refinement_model.accession_code   1VTD 
_pdbx_initial_refinement_model.id               1 
_pdbx_initial_refinement_model.entity_id_list   ? 
_pdbx_initial_refinement_model.type             'experimental model' 
_pdbx_initial_refinement_model.source_name      PDB 
_pdbx_initial_refinement_model.details          'B-DNA DODECAMER' 
# 
_atom_sites.entry_id                    330D 
_atom_sites.fract_transf_matrix[1][1]   -0.00279588 
_atom_sites.fract_transf_matrix[1][2]   -0.01640969 
_atom_sites.fract_transf_matrix[1][3]   0.00547897 
_atom_sites.fract_transf_matrix[2][1]   0.01213417 
_atom_sites.fract_transf_matrix[2][2]   -0.01234245 
_atom_sites.fract_transf_matrix[2][3]   -0.00274799 
_atom_sites.fract_transf_matrix[3][1]   0.00899954 
_atom_sites.fract_transf_matrix[3][2]   0.00469465 
_atom_sites.fract_transf_matrix[3][3]   0.01865305 
_atom_sites.fract_transf_vector[1]      0.067982 
_atom_sites.fract_transf_vector[2]      0.364893 
_atom_sites.fract_transf_vector[3]      -0.000061 
# 
loop_
_atom_type.symbol 
C 
N 
O 
P 
# 
loop_
_atom_site.group_PDB 
_atom_site.id 
_atom_site.type_symbol 
_atom_site.label_atom_id 
_atom_site.label_alt_id 
_atom_site.label_comp_id 
_atom_site.label_asym_id 
_atom_site.label_entity_id 
_atom_site.label_seq_id 
_atom_site.pdbx_PDB_ins_code 
_atom_site.Cartn_x 
_atom_site.Cartn_y 
_atom_site.Cartn_z 
_atom_site.occupancy 
_atom_site.B_iso_or_equiv 
_atom_site.pdbx_formal_charge 
_atom_site.auth_seq_id 
_atom_site.auth_comp_id 
_atom_site.auth_asym_id 
_atom_site.auth_atom_id 
_atom_site.pdbx_PDB_model_num 
ATOM   1   O "O5'" . DA  A 1 1  ? 17.538  13.451  1.338   1.00 33.82 ? 1  DA  A "O5'" 1 
ATOM   2   C "C5'" . DA  A 1 1  ? 16.175  13.621  0.900   1.00 39.97 ? 1  DA  A "C5'" 1 
ATOM   3   C "C4'" . DA  A 1 1  ? 16.070  13.483  -0.601  1.00 29.45 ? 1  DA  A "C4'" 1 
ATOM   4   O "O4'" . DA  A 1 1  ? 16.768  12.289  -0.989  1.00 35.64 ? 1  DA  A "O4'" 1 
ATOM   5   C "C3'" . DA  A 1 1  ? 14.654  13.332  -1.146  1.00 26.05 ? 1  DA  A "C3'" 1 
ATOM   6   O "O3'" . DA  A 1 1  ? 14.563  13.962  -2.424  1.00 32.99 ? 1  DA  A "O3'" 1 
ATOM   7   C "C2'" . DA  A 1 1  ? 14.491  11.833  -1.301  1.00 21.42 ? 1  DA  A "C2'" 1 
ATOM   8   C "C1'" . DA  A 1 1  ? 15.892  11.332  -1.550  1.00 17.43 ? 1  DA  A "C1'" 1 
ATOM   9   N N9    . DA  A 1 1  ? 16.150  10.083  -0.854  1.00 11.44 ? 1  DA  A N9    1 
ATOM   10  C C8    . DA  A 1 1  ? 16.104  9.883   0.505   1.00 11.89 ? 1  DA  A C8    1 
ATOM   11  N N7    . DA  A 1 1  ? 16.413  8.661   0.867   1.00 16.39 ? 1  DA  A N7    1 
ATOM   12  C C5    . DA  A 1 1  ? 16.675  8.014   -0.333  1.00 21.31 ? 1  DA  A C5    1 
ATOM   13  C C6    . DA  A 1 1  ? 17.069  6.703   -0.628  1.00 25.39 ? 1  DA  A C6    1 
ATOM   14  N N6    . DA  A 1 1  ? 17.300  5.774   0.301   1.00 25.67 ? 1  DA  A N6    1 
ATOM   15  N N1    . DA  A 1 1  ? 17.232  6.374   -1.927  1.00 24.56 ? 1  DA  A N1    1 
ATOM   16  C C2    . DA  A 1 1  ? 17.035  7.317   -2.856  1.00 21.91 ? 1  DA  A C2    1 
ATOM   17  N N3    . DA  A 1 1  ? 16.679  8.589   -2.701  1.00 37.00 ? 1  DA  A N3    1 
ATOM   18  C C4    . DA  A 1 1  ? 16.509  8.876   -1.400  1.00 23.42 ? 1  DA  A C4    1 
ATOM   19  P P     . DC  A 1 2  ? 13.191  13.868  -3.264  1.00 56.82 ? 2  DC  A P     1 
ATOM   20  O OP1   . DC  A 1 2  ? 13.317  14.769  -4.457  1.00 51.69 ? 2  DC  A OP1   1 
ATOM   21  O OP2   . DC  A 1 2  ? 12.059  14.042  -2.313  1.00 70.40 ? 2  DC  A OP2   1 
ATOM   22  O "O5'" . DC  A 1 2  ? 13.164  12.381  -3.838  1.00 52.08 ? 2  DC  A "O5'" 1 
ATOM   23  C "C5'" . DC  A 1 2  ? 13.818  12.087  -5.094  1.00 53.74 ? 2  DC  A "C5'" 1 
ATOM   24  C "C4'" . DC  A 1 2  ? 13.570  10.656  -5.510  1.00 50.86 ? 2  DC  A "C4'" 1 
ATOM   25  O "O4'" . DC  A 1 2  ? 14.067  9.757   -4.509  1.00 51.64 ? 2  DC  A "O4'" 1 
ATOM   26  C "C3'" . DC  A 1 2  ? 12.116  10.259  -5.710  1.00 44.07 ? 2  DC  A "C3'" 1 
ATOM   27  O "O3'" . DC  A 1 2  ? 11.800  10.562  -7.075  1.00 43.53 ? 2  DC  A "O3'" 1 
ATOM   28  C "C2'" . DC  A 1 2  ? 12.127  8.759   -5.452  1.00 40.50 ? 2  DC  A "C2'" 1 
ATOM   29  C "C1'" . DC  A 1 2  ? 13.399  8.518   -4.638  1.00 44.13 ? 2  DC  A "C1'" 1 
ATOM   30  N N1    . DC  A 1 2  ? 13.349  7.902   -3.306  1.00 42.49 ? 2  DC  A N1    1 
ATOM   31  C C2    . DC  A 1 2  ? 14.110  6.748   -3.090  1.00 45.90 ? 2  DC  A C2    1 
ATOM   32  O O2    . DC  A 1 2  ? 14.648  6.195   -4.064  1.00 40.69 ? 2  DC  A O2    1 
ATOM   33  N N3    . DC  A 1 2  ? 14.234  6.260   -1.839  1.00 40.50 ? 2  DC  A N3    1 
ATOM   34  C C4    . DC  A 1 2  ? 13.604  6.856   -0.831  1.00 33.68 ? 2  DC  A C4    1 
ATOM   35  N N4    . DC  A 1 2  ? 13.808  6.376   0.394   1.00 33.02 ? 2  DC  A N4    1 
ATOM   36  C C5    . DC  A 1 2  ? 12.748  7.979   -1.033  1.00 31.94 ? 2  DC  A C5    1 
ATOM   37  C C6    . DC  A 1 2  ? 12.647  8.464   -2.280  1.00 34.48 ? 2  DC  A C6    1 
ATOM   38  P P     . DC  A 1 3  ? 10.360  10.177  -7.678  1.00 56.04 ? 3  DC  A P     1 
ATOM   39  O OP1   . DC  A 1 3  ? 10.376  10.480  -9.147  1.00 45.79 ? 3  DC  A OP1   1 
ATOM   40  O OP2   . DC  A 1 3  ? 9.297   10.778  -6.823  1.00 56.89 ? 3  DC  A OP2   1 
ATOM   41  O "O5'" . DC  A 1 3  ? 10.333  8.593   -7.512  1.00 50.18 ? 3  DC  A "O5'" 1 
ATOM   42  C "C5'" . DC  A 1 3  ? 11.328  7.773   -8.143  1.00 35.23 ? 3  DC  A "C5'" 1 
ATOM   43  C "C4'" . DC  A 1 3  ? 11.133  6.327   -7.755  1.00 42.15 ? 3  DC  A "C4'" 1 
ATOM   44  O "O4'" . DC  A 1 3  ? 11.477  6.108   -6.372  1.00 44.18 ? 3  DC  A "O4'" 1 
ATOM   45  C "C3'" . DC  A 1 3  ? 9.710   5.805   -7.924  1.00 42.99 ? 3  DC  A "C3'" 1 
ATOM   46  O "O3'" . DC  A 1 3  ? 9.632   5.303   -9.268  1.00 50.80 ? 3  DC  A "O3'" 1 
ATOM   47  C "C2'" . DC  A 1 3  ? 9.617   4.706   -6.875  1.00 37.75 ? 3  DC  A "C2'" 1 
ATOM   48  C "C1'" . DC  A 1 3  ? 10.636  5.115   -5.802  1.00 33.09 ? 3  DC  A "C1'" 1 
ATOM   49  N N1    . DC  A 1 3  ? 10.160  5.641   -4.516  1.00 27.88 ? 3  DC  A N1    1 
ATOM   50  C C2    . DC  A 1 3  ? 10.357  4.883   -3.371  1.00 28.22 ? 3  DC  A C2    1 
ATOM   51  O O2    . DC  A 1 3  ? 10.822  3.741   -3.481  1.00 39.96 ? 3  DC  A O2    1 
ATOM   52  N N3    . DC  A 1 3  ? 10.037  5.403   -2.171  1.00 29.99 ? 3  DC  A N3    1 
ATOM   53  C C4    . DC  A 1 3  ? 9.522   6.629   -2.093  1.00 34.36 ? 3  DC  A C4    1 
ATOM   54  N N4    . DC  A 1 3  ? 9.269   7.126   -0.872  1.00 45.01 ? 3  DC  A N4    1 
ATOM   55  C C5    . DC  A 1 3  ? 9.254   7.407   -3.252  1.00 26.59 ? 3  DC  A C5    1 
ATOM   56  C C6    . DC  A 1 3  ? 9.581   6.876   -4.435  1.00 36.23 ? 3  DC  A C6    1 
ATOM   57  P P     . DG  A 1 4  ? 8.293   4.601   -9.798  1.00 54.52 ? 4  DG  A P     1 
ATOM   58  O OP1   . DG  A 1 4  ? 8.609   4.090   -11.154 1.00 55.18 ? 4  DG  A OP1   1 
ATOM   59  O OP2   . DG  A 1 4  ? 7.150   5.532   -9.617  1.00 59.26 ? 4  DG  A OP2   1 
ATOM   60  O "O5'" . DG  A 1 4  ? 8.133   3.343   -8.837  1.00 43.67 ? 4  DG  A "O5'" 1 
ATOM   61  C "C5'" . DG  A 1 4  ? 9.108   2.291   -8.878  1.00 49.85 ? 4  DG  A "C5'" 1 
ATOM   62  C "C4'" . DG  A 1 4  ? 8.540   1.014   -8.304  1.00 50.62 ? 4  DG  A "C4'" 1 
ATOM   63  O "O4'" . DG  A 1 4  ? 8.531   1.059   -6.861  1.00 41.59 ? 4  DG  A "O4'" 1 
ATOM   64  C "C3'" . DG  A 1 4  ? 7.116   0.684   -8.733  1.00 51.79 ? 4  DG  A "C3'" 1 
ATOM   65  O "O3'" . DG  A 1 4  ? 7.054   -0.722  -8.993  1.00 61.02 ? 4  DG  A "O3'" 1 
ATOM   66  C "C2'" . DG  A 1 4  ? 6.280   1.107   -7.536  1.00 38.52 ? 4  DG  A "C2'" 1 
ATOM   67  C "C1'" . DG  A 1 4  ? 7.216   0.937   -6.349  1.00 28.01 ? 4  DG  A "C1'" 1 
ATOM   68  N N9    . DG  A 1 4  ? 7.065   1.988   -5.349  1.00 30.86 ? 4  DG  A N9    1 
ATOM   69  C C8    . DG  A 1 4  ? 6.577   3.256   -5.555  1.00 35.36 ? 4  DG  A C8    1 
ATOM   70  N N7    . DG  A 1 4  ? 6.652   4.014   -4.494  1.00 31.24 ? 4  DG  A N7    1 
ATOM   71  C C5    . DG  A 1 4  ? 7.208   3.190   -3.525  1.00 26.80 ? 4  DG  A C5    1 
ATOM   72  C C6    . DG  A 1 4  ? 7.550   3.467   -2.173  1.00 25.61 ? 4  DG  A C6    1 
ATOM   73  O O6    . DG  A 1 4  ? 7.432   4.547   -1.559  1.00 21.52 ? 4  DG  A O6    1 
ATOM   74  N N1    . DG  A 1 4  ? 8.080   2.339   -1.529  1.00 21.04 ? 4  DG  A N1    1 
ATOM   75  C C2    . DG  A 1 4  ? 8.254   1.109   -2.121  1.00 20.94 ? 4  DG  A C2    1 
ATOM   76  N N2    . DG  A 1 4  ? 8.761   0.132   -1.352  1.00 25.66 ? 4  DG  A N2    1 
ATOM   77  N N3    . DG  A 1 4  ? 7.945   0.848   -3.390  1.00 29.40 ? 4  DG  A N3    1 
ATOM   78  C C4    . DG  A 1 4  ? 7.436   1.927   -4.025  1.00 23.21 ? 4  DG  A C4    1 
ATOM   79  P P     . DC  A 1 5  ? 5.640   -1.471  -9.057  1.00 67.40 ? 5  DC  A P     1 
ATOM   80  O OP1   . DC  A 1 5  ? 5.653   -2.356  -10.241 1.00 77.30 ? 5  DC  A OP1   1 
ATOM   81  O OP2   . DC  A 1 5  ? 4.555   -0.472  -8.894  1.00 80.35 ? 5  DC  A OP2   1 
ATOM   82  O "O5'" . DC  A 1 5  ? 5.698   -2.401  -7.774  1.00 62.20 ? 5  DC  A "O5'" 1 
ATOM   83  C "C5'" . DC  A 1 5  ? 6.953   -2.929  -7.340  1.00 52.97 ? 5  DC  A "C5'" 1 
ATOM   84  C "C4'" . DC  A 1 5  ? 6.816   -3.548  -5.971  1.00 50.97 ? 5  DC  A "C4'" 1 
ATOM   85  O "O4'" . DC  A 1 5  ? 6.801   -2.550  -4.920  1.00 45.87 ? 5  DC  A "O4'" 1 
ATOM   86  C "C3'" . DC  A 1 5  ? 5.563   -4.392  -5.782  1.00 51.58 ? 5  DC  A "C3'" 1 
ATOM   87  O "O3'" . DC  A 1 5  ? 5.924   -5.622  -5.164  1.00 55.41 ? 5  DC  A "O3'" 1 
ATOM   88  C "C2'" . DC  A 1 5  ? 4.680   -3.530  -4.893  1.00 48.62 ? 5  DC  A "C2'" 1 
ATOM   89  C "C1'" . DC  A 1 5  ? 5.669   -2.711  -4.079  1.00 41.25 ? 5  DC  A "C1'" 1 
ATOM   90  N N1    . DC  A 1 5  ? 5.182   -1.360  -3.742  1.00 34.71 ? 5  DC  A N1    1 
ATOM   91  C C2    . DC  A 1 5  ? 5.325   -0.867  -2.427  1.00 33.21 ? 5  DC  A C2    1 
ATOM   92  O O2    . DC  A 1 5  ? 5.805   -1.584  -1.549  1.00 26.20 ? 5  DC  A O2    1 
ATOM   93  N N3    . DC  A 1 5  ? 4.921   0.382   -2.152  1.00 29.75 ? 5  DC  A N3    1 
ATOM   94  C C4    . DC  A 1 5  ? 4.359   1.128   -3.103  1.00 28.35 ? 5  DC  A C4    1 
ATOM   95  N N4    . DC  A 1 5  ? 3.960   2.355   -2.774  1.00 37.81 ? 5  DC  A N4    1 
ATOM   96  C C5    . DC  A 1 5  ? 4.179   0.651   -4.430  1.00 28.37 ? 5  DC  A C5    1 
ATOM   97  C C6    . DC  A 1 5  ? 4.604   -0.586  -4.703  1.00 25.23 ? 5  DC  A C6    1 
ATOM   98  P P     . DC  A 1 6  ? 4.810   -6.739  -4.921  1.00 58.42 ? 6  DC  A P     1 
ATOM   99  O OP1   . DC  A 1 6  ? 5.500   -8.052  -4.800  1.00 61.16 ? 6  DC  A OP1   1 
ATOM   100 O OP2   . DC  A 1 6  ? 3.721   -6.556  -5.921  1.00 61.00 ? 6  DC  A OP2   1 
ATOM   101 O "O5'" . DC  A 1 6  ? 4.271   -6.361  -3.480  1.00 48.85 ? 6  DC  A "O5'" 1 
ATOM   102 C "C5'" . DC  A 1 6  ? 5.192   -6.272  -2.392  1.00 49.75 ? 6  DC  A "C5'" 1 
ATOM   103 C "C4'" . DC  A 1 6  ? 4.435   -6.107  -1.104  1.00 47.11 ? 6  DC  A "C4'" 1 
ATOM   104 O "O4'" . DC  A 1 6  ? 3.923   -4.755  -1.018  1.00 48.98 ? 6  DC  A "O4'" 1 
ATOM   105 C "C3'" . DC  A 1 6  ? 3.230   -7.035  -1.042  1.00 40.67 ? 6  DC  A "C3'" 1 
ATOM   106 O "O3'" . DC  A 1 6  ? 3.082   -7.527  0.283   1.00 44.57 ? 6  DC  A "O3'" 1 
ATOM   107 C "C2'" . DC  A 1 6  ? 2.072   -6.130  -1.428  1.00 33.87 ? 6  DC  A "C2'" 1 
ATOM   108 C "C1'" . DC  A 1 6  ? 2.514   -4.768  -0.910  1.00 34.77 ? 6  DC  A "C1'" 1 
ATOM   109 N N1    . DC  A 1 6  ? 1.993   -3.600  -1.648  1.00 23.23 ? 6  DC  A N1    1 
ATOM   110 C C2    . DC  A 1 6  ? 1.988   -2.357  -1.010  1.00 20.26 ? 6  DC  A C2    1 
ATOM   111 O O2    . DC  A 1 6  ? 2.460   -2.268  0.127   1.00 33.73 ? 6  DC  A O2    1 
ATOM   112 N N3    . DC  A 1 6  ? 1.475   -1.287  -1.639  1.00 25.67 ? 6  DC  A N3    1 
ATOM   113 C C4    . DC  A 1 6  ? 0.991   -1.412  -2.871  1.00 23.49 ? 6  DC  A C4    1 
ATOM   114 N N4    . DC  A 1 6  ? 0.495   -0.318  -3.451  1.00 18.96 ? 6  DC  A N4    1 
ATOM   115 C C5    . DC  A 1 6  ? 0.998   -2.661  -3.562  1.00 15.53 ? 6  DC  A C5    1 
ATOM   116 C C6    . DC  A 1 6  ? 1.507   -3.720  -2.920  1.00 11.29 ? 6  DC  A C6    1 
ATOM   117 P P     . DG  A 1 7  ? 2.304   -8.903  0.534   1.00 54.71 ? 7  DG  A P     1 
ATOM   118 O OP1   . DG  A 1 7  ? 3.325   -9.973  0.706   1.00 51.99 ? 7  DG  A OP1   1 
ATOM   119 O OP2   . DG  A 1 7  ? 1.289   -9.027  -0.536  1.00 59.21 ? 7  DG  A OP2   1 
ATOM   120 O "O5'" . DG  A 1 7  ? 1.544   -8.651  1.914   1.00 42.65 ? 7  DG  A "O5'" 1 
ATOM   121 C "C5'" . DG  A 1 7  ? 2.246   -8.097  3.047   1.00 42.29 ? 7  DG  A "C5'" 1 
ATOM   122 C "C4'" . DG  A 1 7  ? 1.316   -7.252  3.887   1.00 39.93 ? 7  DG  A "C4'" 1 
ATOM   123 O "O4'" . DG  A 1 7  ? 0.941   -6.035  3.201   1.00 44.68 ? 7  DG  A "O4'" 1 
ATOM   124 C "C3'" . DG  A 1 7  ? 0.008   -7.928  4.277   1.00 40.48 ? 7  DG  A "C3'" 1 
ATOM   125 O "O3'" . DG  A 1 7  ? -0.305  -7.534  5.607   1.00 48.06 ? 7  DG  A "O3'" 1 
ATOM   126 C "C2'" . DG  A 1 7  ? -1.003  -7.327  3.318   1.00 34.25 ? 7  DG  A "C2'" 1 
ATOM   127 C "C1'" . DG  A 1 7  ? -0.472  -5.925  3.107   1.00 34.07 ? 7  DG  A "C1'" 1 
ATOM   128 N N9    . DG  A 1 7  ? -0.783  -5.381  1.791   1.00 32.01 ? 7  DG  A N9    1 
ATOM   129 C C8    . DG  A 1 7  ? -0.848  -6.080  0.608   1.00 38.30 ? 7  DG  A C8    1 
ATOM   130 N N7    . DG  A 1 7  ? -1.125  -5.322  -0.421  1.00 38.65 ? 7  DG  A N7    1 
ATOM   131 C C5    . DG  A 1 7  ? -1.254  -4.046  0.117   1.00 32.97 ? 7  DG  A C5    1 
ATOM   132 C C6    . DG  A 1 7  ? -1.556  -2.808  -0.515  1.00 26.01 ? 7  DG  A C6    1 
ATOM   133 O O6    . DG  A 1 7  ? -1.732  -2.576  -1.720  1.00 35.58 ? 7  DG  A O6    1 
ATOM   134 N N1    . DG  A 1 7  ? -1.636  -1.771  0.407   1.00 16.30 ? 7  DG  A N1    1 
ATOM   135 C C2    . DG  A 1 7  ? -1.426  -1.899  1.753   1.00 23.28 ? 7  DG  A C2    1 
ATOM   136 N N2    . DG  A 1 7  ? -1.566  -0.780  2.478   1.00 20.78 ? 7  DG  A N2    1 
ATOM   137 N N3    . DG  A 1 7  ? -1.108  -3.044  2.349   1.00 27.01 ? 7  DG  A N3    1 
ATOM   138 C C4    . DG  A 1 7  ? -1.052  -4.067  1.480   1.00 28.77 ? 7  DG  A C4    1 
ATOM   139 P P     . DG  A 1 8  ? -1.523  -8.229  6.378   1.00 56.83 ? 8  DG  A P     1 
ATOM   140 O OP1   . DG  A 1 8  ? -0.953  -8.846  7.605   1.00 56.79 ? 8  DG  A OP1   1 
ATOM   141 O OP2   . DG  A 1 8  ? -2.295  -9.067  5.418   1.00 56.09 ? 8  DG  A OP2   1 
ATOM   142 O "O5'" . DG  A 1 8  ? -2.405  -6.979  6.814   1.00 41.67 ? 8  DG  A "O5'" 1 
ATOM   143 C "C5'" . DG  A 1 8  ? -1.807  -5.923  7.560   1.00 37.96 ? 8  DG  A "C5'" 1 
ATOM   144 C "C4'" . DG  A 1 8  ? -2.691  -4.701  7.553   1.00 32.76 ? 8  DG  A "C4'" 1 
ATOM   145 O "O4'" . DG  A 1 8  ? -2.761  -4.115  6.237   1.00 40.94 ? 8  DG  A "O4'" 1 
ATOM   146 C "C3'" . DG  A 1 8  ? -4.131  -4.927  7.992   1.00 34.68 ? 8  DG  A "C3'" 1 
ATOM   147 O "O3'" . DG  A 1 8  ? -4.519  -3.819  8.781   1.00 33.79 ? 8  DG  A "O3'" 1 
ATOM   148 C "C2'" . DG  A 1 8  ? -4.916  -4.905  6.696   1.00 31.69 ? 8  DG  A "C2'" 1 
ATOM   149 C "C1'" . DG  A 1 8  ? -4.116  -3.921  5.870   1.00 37.16 ? 8  DG  A "C1'" 1 
ATOM   150 N N9    . DG  A 1 8  ? -4.211  -4.100  4.427   1.00 30.30 ? 8  DG  A N9    1 
ATOM   151 C C8    . DG  A 1 8  ? -3.952  -5.247  3.710   1.00 29.80 ? 8  DG  A C8    1 
ATOM   152 N N7    . DG  A 1 8  ? -4.059  -5.076  2.416   1.00 19.59 ? 8  DG  A N7    1 
ATOM   153 C C5    . DG  A 1 8  ? -4.429  -3.740  2.276   1.00 20.71 ? 8  DG  A C5    1 
ATOM   154 C C6    . DG  A 1 8  ? -4.692  -2.992  1.121   1.00 10.80 ? 8  DG  A C6    1 
ATOM   155 O O6    . DG  A 1 8  ? -4.639  -3.360  -0.055  1.00 11.47 ? 8  DG  A O6    1 
ATOM   156 N N1    . DG  A 1 8  ? -5.046  -1.687  1.425   1.00 16.54 ? 8  DG  A N1    1 
ATOM   157 C C2    . DG  A 1 8  ? -5.136  -1.168  2.687   1.00 21.51 ? 8  DG  A C2    1 
ATOM   158 N N2    . DG  A 1 8  ? -5.492  0.128   2.761   1.00 24.85 ? 8  DG  A N2    1 
ATOM   159 N N3    . DG  A 1 8  ? -4.898  -1.858  3.788   1.00 14.88 ? 8  DG  A N3    1 
ATOM   160 C C4    . DG  A 1 8  ? -4.547  -3.130  3.510   1.00 20.99 ? 8  DG  A C4    1 
ATOM   161 P P     . DC  A 1 9  ? -5.778  -3.939  9.738   1.00 36.18 ? 9  DC  A P     1 
ATOM   162 O OP1   . DC  A 1 9  ? -5.423  -3.301  11.031  1.00 41.74 ? 9  DC  A OP1   1 
ATOM   163 O OP2   . DC  A 1 9  ? -6.235  -5.342  9.706   1.00 35.77 ? 9  DC  A OP2   1 
ATOM   164 O "O5'" . DC  A 1 9  ? -6.826  -2.997  9.019   1.00 30.83 ? 9  DC  A "O5'" 1 
ATOM   165 C "C5'" . DC  A 1 9  ? -6.572  -1.592  8.951   1.00 37.17 ? 9  DC  A "C5'" 1 
ATOM   166 C "C4'" . DC  A 1 9  ? -7.196  -1.011  7.707   1.00 42.36 ? 9  DC  A "C4'" 1 
ATOM   167 O "O4'" . DC  A 1 9  ? -6.760  -1.740  6.545   1.00 35.58 ? 9  DC  A "O4'" 1 
ATOM   168 C "C3'" . DC  A 1 9  ? -8.710  -1.098  7.674   1.00 47.89 ? 9  DC  A "C3'" 1 
ATOM   169 O "O3'" . DC  A 1 9  ? -9.205  0.098   8.272   1.00 54.14 ? 9  DC  A "O3'" 1 
ATOM   170 C "C2'" . DC  A 1 9  ? -9.017  -1.088  6.186   1.00 49.78 ? 9  DC  A "C2'" 1 
ATOM   171 C "C1'" . DC  A 1 9  ? -7.738  -1.598  5.528   1.00 38.10 ? 9  DC  A "C1'" 1 
ATOM   172 N N1    . DC  A 1 9  ? -7.826  -2.867  4.813   1.00 32.69 ? 9  DC  A N1    1 
ATOM   173 C C2    . DC  A 1 9  ? -8.074  -2.852  3.435   1.00 27.07 ? 9  DC  A C2    1 
ATOM   174 O O2    . DC  A 1 9  ? -8.321  -1.769  2.882   1.00 23.41 ? 9  DC  A O2    1 
ATOM   175 N N3    . DC  A 1 9  ? -8.041  -4.015  2.749   1.00 15.61 ? 9  DC  A N3    1 
ATOM   176 C C4    . DC  A 1 9  ? -7.785  -5.163  3.398   1.00 23.87 ? 9  DC  A C4    1 
ATOM   177 N N4    . DC  A 1 9  ? -7.698  -6.302  2.687   1.00 33.21 ? 9  DC  A N4    1 
ATOM   178 C C5    . DC  A 1 9  ? -7.591  -5.206  4.807   1.00 29.27 ? 9  DC  A C5    1 
ATOM   179 C C6    . DC  A 1 9  ? -7.626  -4.046  5.469   1.00 37.16 ? 9  DC  A C6    1 
ATOM   180 P P     . DG  A 1 10 ? -10.322 0.019   9.409   1.00 56.33 ? 10 DG  A P     1 
ATOM   181 O OP1   . DG  A 1 10 ? -9.641  -0.212  10.699  1.00 65.31 ? 10 DG  A OP1   1 
ATOM   182 O OP2   . DG  A 1 10 ? -11.377 -0.919  8.958   1.00 52.44 ? 10 DG  A OP2   1 
ATOM   183 O "O5'" . DG  A 1 10 ? -10.914 1.492   9.420   1.00 45.50 ? 10 DG  A "O5'" 1 
ATOM   184 C "C5'" . DG  A 1 10 ? -12.259 1.724   9.016   1.00 44.54 ? 10 DG  A "C5'" 1 
ATOM   185 C "C4'" . DG  A 1 10 ? -12.290 2.322   7.630   1.00 40.66 ? 10 DG  A "C4'" 1 
ATOM   186 O "O4'" . DG  A 1 10 ? -11.630 1.426   6.705   1.00 42.98 ? 10 DG  A "O4'" 1 
ATOM   187 C "C3'" . DG  A 1 10 ? -13.710 2.521   7.099   1.00 49.96 ? 10 DG  A "C3'" 1 
ATOM   188 O "O3'" . DG  A 1 10 ? -13.839 3.767   6.414   1.00 57.72 ? 10 DG  A "O3'" 1 
ATOM   189 C "C2'" . DG  A 1 10 ? -13.913 1.356   6.151   1.00 42.26 ? 10 DG  A "C2'" 1 
ATOM   190 C "C1'" . DG  A 1 10 ? -12.509 1.085   5.639   1.00 39.26 ? 10 DG  A "C1'" 1 
ATOM   191 N N9    . DG  A 1 10 ? -12.295 -0.321  5.297   1.00 35.23 ? 10 DG  A N9    1 
ATOM   192 C C8    . DG  A 1 10 ? -12.134 -1.376  6.165   1.00 29.94 ? 10 DG  A C8    1 
ATOM   193 N N7    . DG  A 1 10 ? -12.007 -2.525  5.558   1.00 23.79 ? 10 DG  A N7    1 
ATOM   194 C C5    . DG  A 1 10 ? -12.076 -2.208  4.205   1.00 24.78 ? 10 DG  A C5    1 
ATOM   195 C C6    . DG  A 1 10 ? -11.999 -3.041  3.069   1.00 31.01 ? 10 DG  A C6    1 
ATOM   196 O O6    . DG  A 1 10 ? -11.837 -4.277  3.018   1.00 37.38 ? 10 DG  A O6    1 
ATOM   197 N N1    . DG  A 1 10 ? -12.119 -2.311  1.896   1.00 23.05 ? 10 DG  A N1    1 
ATOM   198 C C2    . DG  A 1 10 ? -12.280 -0.956  1.820   1.00 25.06 ? 10 DG  A C2    1 
ATOM   199 N N2    . DG  A 1 10 ? -12.350 -0.436  0.574   1.00 27.75 ? 10 DG  A N2    1 
ATOM   200 N N3    . DG  A 1 10 ? -12.356 -0.168  2.873   1.00 27.43 ? 10 DG  A N3    1 
ATOM   201 C C4    . DG  A 1 10 ? -12.247 -0.857  4.026   1.00 25.23 ? 10 DG  A C4    1 
ATOM   202 P P     . DC  A 1 11 ? -15.268 4.505   6.391   1.00 58.89 ? 11 DC  A P     1 
ATOM   203 O OP1   . DC  A 1 11 ? -15.080 5.977   6.517   1.00 48.83 ? 11 DC  A OP1   1 
ATOM   204 O OP2   . DC  A 1 11 ? -16.124 3.772   7.360   1.00 54.82 ? 11 DC  A OP2   1 
ATOM   205 O "O5'" . DC  A 1 11 ? -15.826 4.195   4.940   1.00 44.22 ? 11 DC  A "O5'" 1 
ATOM   206 C "C5'" . DC  A 1 11 ? -15.662 2.894   4.398   1.00 34.48 ? 11 DC  A "C5'" 1 
ATOM   207 C "C4'" . DC  A 1 11 ? -16.147 2.858   2.973   1.00 28.80 ? 11 DC  A "C4'" 1 
ATOM   208 O "O4'" . DC  A 1 11 ? -15.664 1.656   2.350   1.00 35.22 ? 11 DC  A "O4'" 1 
ATOM   209 C "C3'" . DC  A 1 11 ? -17.661 2.809   2.862   1.00 21.35 ? 11 DC  A "C3'" 1 
ATOM   210 O "O3'" . DC  A 1 11 ? -18.036 3.498   1.676   1.00 25.02 ? 11 DC  A "O3'" 1 
ATOM   211 C "C2'" . DC  A 1 11 ? -17.952 1.322   2.786   1.00 29.88 ? 11 DC  A "C2'" 1 
ATOM   212 C "C1'" . DC  A 1 11 ? -16.696 0.711   2.182   1.00 28.74 ? 11 DC  A "C1'" 1 
ATOM   213 N N1    . DC  A 1 11 ? -16.243 -0.534  2.822   1.00 26.94 ? 11 DC  A N1    1 
ATOM   214 C C2    . DC  A 1 11 ? -15.819 -1.597  2.008   1.00 35.97 ? 11 DC  A C2    1 
ATOM   215 O O2    . DC  A 1 11 ? -15.877 -1.468  0.776   1.00 39.10 ? 11 DC  A O2    1 
ATOM   216 N N3    . DC  A 1 11 ? -15.360 -2.738  2.584   1.00 32.58 ? 11 DC  A N3    1 
ATOM   217 C C4    . DC  A 1 11 ? -15.335 -2.847  3.914   1.00 37.18 ? 11 DC  A C4    1 
ATOM   218 N N4    . DC  A 1 11 ? -14.890 -3.990  4.431   1.00 46.11 ? 11 DC  A N4    1 
ATOM   219 C C5    . DC  A 1 11 ? -15.770 -1.784  4.773   1.00 33.82 ? 11 DC  A C5    1 
ATOM   220 C C6    . DC  A 1 11 ? -16.212 -0.654  4.186   1.00 33.45 ? 11 DC  A C6    1 
ATOM   221 P P     . DC  A 1 12 ? -19.575 3.728   1.349   1.00 30.04 ? 12 DC  A P     1 
ATOM   222 O OP1   . DC  A 1 12 ? -19.660 4.893   0.439   1.00 41.28 ? 12 DC  A OP1   1 
ATOM   223 O OP2   . DC  A 1 12 ? -20.276 3.762   2.641   1.00 28.34 ? 12 DC  A OP2   1 
ATOM   224 O "O5'" . DC  A 1 12 ? -19.923 2.421   0.502   1.00 33.26 ? 12 DC  A "O5'" 1 
ATOM   225 C "C5'" . DC  A 1 12 ? -19.310 2.255   -0.791  1.00 29.48 ? 12 DC  A "C5'" 1 
ATOM   226 C "C4'" . DC  A 1 12 ? -19.798 1.010   -1.489  1.00 30.21 ? 12 DC  A "C4'" 1 
ATOM   227 O "O4'" . DC  A 1 12 ? -19.119 -0.153  -0.976  1.00 31.82 ? 12 DC  A "O4'" 1 
ATOM   228 C "C3'" . DC  A 1 12 ? -21.288 0.710   -1.392  1.00 30.04 ? 12 DC  A "C3'" 1 
ATOM   229 O "O3'" . DC  A 1 12 ? -21.608 -0.122  -2.519  1.00 29.42 ? 12 DC  A "O3'" 1 
ATOM   230 C "C2'" . DC  A 1 12 ? -21.338 -0.341  -0.298  1.00 29.73 ? 12 DC  A "C2'" 1 
ATOM   231 C "C1'" . DC  A 1 12 ? -20.063 -1.112  -0.558  1.00 22.92 ? 12 DC  A "C1'" 1 
ATOM   232 N N1    . DC  A 1 12 ? -19.515 -1.825  0.604   1.00 22.25 ? 12 DC  A N1    1 
ATOM   233 C C2    . DC  A 1 12 ? -19.179 -3.170  0.459   1.00 22.49 ? 12 DC  A C2    1 
ATOM   234 O O2    . DC  A 1 12 ? -19.243 -3.677  -0.667  1.00 38.37 ? 12 DC  A O2    1 
ATOM   235 N N3    . DC  A 1 12 ? -18.779 -3.880  1.546   1.00 12.79 ? 12 DC  A N3    1 
ATOM   236 C C4    . DC  A 1 12 ? -18.671 -3.275  2.728   1.00 10.65 ? 12 DC  A C4    1 
ATOM   237 N N4    . DC  A 1 12 ? -18.311 -4.008  3.774   1.00 6.98  ? 12 DC  A N4    1 
ATOM   238 C C5    . DC  A 1 12 ? -18.939 -1.887  2.889   1.00 14.50 ? 12 DC  A C5    1 
ATOM   239 C C6    . DC  A 1 12 ? -19.361 -1.207  1.810   1.00 17.84 ? 12 DC  A C6    1 
ATOM   240 O "O5'" . DG  B 2 1  ? -16.314 -14.360 2.575   1.00 42.59 ? 13 DG  B "O5'" 1 
ATOM   241 C "C5'" . DG  B 2 1  ? -15.353 -13.848 1.633   1.00 44.29 ? 13 DG  B "C5'" 1 
ATOM   242 C "C4'" . DG  B 2 1  ? -16.031 -13.271 0.413   1.00 37.18 ? 13 DG  B "C4'" 1 
ATOM   243 O "O4'" . DG  B 2 1  ? -16.945 -12.238 0.834   1.00 37.67 ? 13 DG  B "O4'" 1 
ATOM   244 C "C3'" . DG  B 2 1  ? -15.093 -12.616 -0.594  1.00 32.12 ? 13 DG  B "C3'" 1 
ATOM   245 O "O3'" . DG  B 2 1  ? -15.559 -12.843 -1.921  1.00 37.71 ? 13 DG  B "O3'" 1 
ATOM   246 C "C2'" . DG  B 2 1  ? -15.177 -11.143 -0.254  1.00 26.75 ? 13 DG  B "C2'" 1 
ATOM   247 C "C1'" . DG  B 2 1  ? -16.552 -10.968 0.354   1.00 27.77 ? 13 DG  B "C1'" 1 
ATOM   248 N N9    . DG  B 2 1  ? -16.526 -10.067 1.498   1.00 30.55 ? 13 DG  B N9    1 
ATOM   249 C C8    . DG  B 2 1  ? -15.968 -10.319 2.725   1.00 32.08 ? 13 DG  B C8    1 
ATOM   250 N N7    . DG  B 2 1  ? -16.094 -9.321  3.560   1.00 35.36 ? 13 DG  B N7    1 
ATOM   251 C C5    . DG  B 2 1  ? -16.775 -8.352  2.837   1.00 29.30 ? 13 DG  B C5    1 
ATOM   252 C C6    . DG  B 2 1  ? -17.193 -7.058  3.213   1.00 26.28 ? 13 DG  B C6    1 
ATOM   253 O O6    . DG  B 2 1  ? -17.057 -6.487  4.304   1.00 25.03 ? 13 DG  B O6    1 
ATOM   254 N N1    . DG  B 2 1  ? -17.839 -6.409  2.167   1.00 29.62 ? 13 DG  B N1    1 
ATOM   255 C C2    . DG  B 2 1  ? -18.068 -6.946  0.923   1.00 31.30 ? 13 DG  B C2    1 
ATOM   256 N N2    . DG  B 2 1  ? -18.702 -6.162  0.029   1.00 29.96 ? 13 DG  B N2    1 
ATOM   257 N N3    . DG  B 2 1  ? -17.698 -8.159  0.571   1.00 38.95 ? 13 DG  B N3    1 
ATOM   258 C C4    . DG  B 2 1  ? -17.054 -8.798  1.566   1.00 33.12 ? 13 DG  B C4    1 
ATOM   259 P P     . DG  B 2 2  ? -14.502 -12.945 -3.119  1.00 48.71 ? 14 DG  B P     1 
ATOM   260 O OP1   . DG  B 2 2  ? -15.160 -13.665 -4.235  1.00 43.18 ? 14 DG  B OP1   1 
ATOM   261 O OP2   . DG  B 2 2  ? -13.228 -13.454 -2.572  1.00 41.47 ? 14 DG  B OP2   1 
ATOM   262 O "O5'" . DG  B 2 2  ? -14.291 -11.429 -3.557  1.00 45.20 ? 14 DG  B "O5'" 1 
ATOM   263 C "C5'" . DG  B 2 2  ? -15.321 -10.743 -4.295  1.00 46.17 ? 14 DG  B "C5'" 1 
ATOM   264 C "C4'" . DG  B 2 2  ? -14.956 -9.296  -4.525  1.00 37.57 ? 14 DG  B "C4'" 1 
ATOM   265 O "O4'" . DG  B 2 2  ? -15.133 -8.500  -3.333  1.00 42.32 ? 14 DG  B "O4'" 1 
ATOM   266 C "C3'" . DG  B 2 2  ? -13.547 -8.998  -5.038  1.00 38.48 ? 14 DG  B "C3'" 1 
ATOM   267 O "O3'" . DG  B 2 2  ? -13.714 -7.943  -5.994  1.00 44.35 ? 14 DG  B "O3'" 1 
ATOM   268 C "C2'" . DG  B 2 2  ? -12.832 -8.474  -3.798  1.00 25.45 ? 14 DG  B "C2'" 1 
ATOM   269 C "C1'" . DG  B 2 2  ? -13.961 -7.737  -3.081  1.00 32.56 ? 14 DG  B "C1'" 1 
ATOM   270 N N9    . DG  B 2 2  ? -13.874 -7.510  -1.634  1.00 25.34 ? 14 DG  B N9    1 
ATOM   271 C C8    . DG  B 2 2  ? -13.415 -8.375  -0.669  1.00 23.47 ? 14 DG  B C8    1 
ATOM   272 N N7    . DG  B 2 2  ? -13.545 -7.900  0.548   1.00 21.69 ? 14 DG  B N7    1 
ATOM   273 C C5    . DG  B 2 2  ? -14.094 -6.635  0.369   1.00 23.79 ? 14 DG  B C5    1 
ATOM   274 C C6    . DG  B 2 2  ? -14.443 -5.636  1.325   1.00 22.51 ? 14 DG  B C6    1 
ATOM   275 O O6    . DG  B 2 2  ? -14.364 -5.685  2.563   1.00 23.54 ? 14 DG  B O6    1 
ATOM   276 N N1    . DG  B 2 2  ? -14.934 -4.495  0.713   1.00 12.02 ? 14 DG  B N1    1 
ATOM   277 C C2    . DG  B 2 2  ? -15.094 -4.334  -0.637  1.00 23.16 ? 14 DG  B C2    1 
ATOM   278 N N2    . DG  B 2 2  ? -15.593 -3.138  -1.044  1.00 19.73 ? 14 DG  B N2    1 
ATOM   279 N N3    . DG  B 2 2  ? -14.788 -5.262  -1.535  1.00 21.28 ? 14 DG  B N3    1 
ATOM   280 C C4    . DG  B 2 2  ? -14.291 -6.372  -0.965  1.00 19.87 ? 14 DG  B C4    1 
ATOM   281 P P     . DC  B 2 3  ? -12.668 -7.746  -7.201  1.00 45.37 ? 15 DC  B P     1 
ATOM   282 O OP1   . DC  B 2 3  ? -13.262 -8.222  -8.479  1.00 41.44 ? 15 DC  B OP1   1 
ATOM   283 O OP2   . DC  B 2 3  ? -11.335 -8.250  -6.772  1.00 43.78 ? 15 DC  B OP2   1 
ATOM   284 O "O5'" . DC  B 2 3  ? -12.623 -6.165  -7.297  1.00 36.60 ? 15 DC  B "O5'" 1 
ATOM   285 C "C5'" . DC  B 2 3  ? -13.747 -5.384  -6.857  1.00 26.67 ? 15 DC  B "C5'" 1 
ATOM   286 C "C4'" . DC  B 2 3  ? -13.278 -4.094  -6.224  1.00 35.43 ? 15 DC  B "C4'" 1 
ATOM   287 O "O4'" . DC  B 2 3  ? -13.162 -4.143  -4.779  1.00 36.79 ? 15 DC  B "O4'" 1 
ATOM   288 C "C3'" . DC  B 2 3  ? -11.948 -3.552  -6.740  1.00 28.97 ? 15 DC  B "C3'" 1 
ATOM   289 O "O3'" . DC  B 2 3  ? -12.130 -2.151  -6.872  1.00 39.85 ? 15 DC  B "O3'" 1 
ATOM   290 C "C2'" . DC  B 2 3  ? -10.986 -3.818  -5.589  1.00 16.40 ? 15 DC  B "C2'" 1 
ATOM   291 C "C1'" . DC  B 2 3  ? -11.900 -3.603  -4.392  1.00 29.34 ? 15 DC  B "C1'" 1 
ATOM   292 N N1    . DC  B 2 3  ? -11.520 -4.197  -3.096  1.00 17.31 ? 15 DC  B N1    1 
ATOM   293 C C2    . DC  B 2 3  ? -11.986 -3.591  -1.930  1.00 22.20 ? 15 DC  B C2    1 
ATOM   294 O O2    . DC  B 2 3  ? -12.669 -2.545  -2.028  1.00 17.12 ? 15 DC  B O2    1 
ATOM   295 N N3    . DC  B 2 3  ? -11.693 -4.154  -0.725  1.00 17.54 ? 15 DC  B N3    1 
ATOM   296 C C4    . DC  B 2 3  ? -10.976 -5.275  -0.670  1.00 7.59  ? 15 DC  B C4    1 
ATOM   297 N N4    . DC  B 2 3  ? -10.753 -5.815  0.518   1.00 6.89  ? 15 DC  B N4    1 
ATOM   298 C C5    . DC  B 2 3  ? -10.468 -5.892  -1.839  1.00 10.14 ? 15 DC  B C5    1 
ATOM   299 C C6    . DC  B 2 3  ? -10.756 -5.323  -3.023  1.00 18.66 ? 15 DC  B C6    1 
ATOM   300 P P     . DG  B 2 4  ? -11.298 -1.342  -7.956  1.00 43.64 ? 16 DG  B P     1 
ATOM   301 O OP1   . DG  B 2 4  ? -12.293 -0.634  -8.792  1.00 50.56 ? 16 DG  B OP1   1 
ATOM   302 O OP2   . DG  B 2 4  ? -10.331 -2.268  -8.593  1.00 39.72 ? 16 DG  B OP2   1 
ATOM   303 O "O5'" . DG  B 2 4  ? -10.522 -0.277  -7.063  1.00 37.19 ? 16 DG  B "O5'" 1 
ATOM   304 C "C5'" . DG  B 2 4  ? -11.202 0.874   -6.524  1.00 31.08 ? 16 DG  B "C5'" 1 
ATOM   305 C "C4'" . DG  B 2 4  ? -10.294 1.615   -5.570  1.00 28.56 ? 16 DG  B "C4'" 1 
ATOM   306 O "O4'" . DG  B 2 4  ? -10.095 0.828   -4.372  1.00 31.96 ? 16 DG  B "O4'" 1 
ATOM   307 C "C3'" . DG  B 2 4  ? -8.897  1.902   -6.131  1.00 27.72 ? 16 DG  B "C3'" 1 
ATOM   308 O "O3'" . DG  B 2 4  ? -8.375  3.089   -5.531  1.00 41.92 ? 16 DG  B "O3'" 1 
ATOM   309 C "C2'" . DG  B 2 4  ? -8.064  0.792   -5.518  1.00 25.68 ? 16 DG  B "C2'" 1 
ATOM   310 C "C1'" . DG  B 2 4  ? -8.708  0.663   -4.153  1.00 16.71 ? 16 DG  B "C1'" 1 
ATOM   311 N N9    . DG  B 2 4  ? -8.497  -0.605  -3.472  1.00 12.73 ? 16 DG  B N9    1 
ATOM   312 C C8    . DG  B 2 4  ? -8.167  -1.800  -4.055  1.00 16.78 ? 16 DG  B C8    1 
ATOM   313 N N7    . DG  B 2 4  ? -8.014  -2.764  -3.192  1.00 29.30 ? 16 DG  B N7    1 
ATOM   314 C C5    . DG  B 2 4  ? -8.264  -2.169  -1.959  1.00 23.91 ? 16 DG  B C5    1 
ATOM   315 C C6    . DG  B 2 4  ? -8.252  -2.728  -0.631  1.00 24.54 ? 16 DG  B C6    1 
ATOM   316 O O6    . DG  B 2 4  ? -8.014  -3.898  -0.276  1.00 27.40 ? 16 DG  B O6    1 
ATOM   317 N N1    . DG  B 2 4  ? -8.568  -1.775  0.325   1.00 17.70 ? 16 DG  B N1    1 
ATOM   318 C C2    . DG  B 2 4  ? -8.873  -0.470  0.060   1.00 17.71 ? 16 DG  B C2    1 
ATOM   319 N N2    . DG  B 2 4  ? -9.194  0.268   1.134   1.00 15.36 ? 16 DG  B N2    1 
ATOM   320 N N3    . DG  B 2 4  ? -8.875  0.069   -1.163  1.00 23.49 ? 16 DG  B N3    1 
ATOM   321 C C4    . DG  B 2 4  ? -8.567  -0.837  -2.115  1.00 11.46 ? 16 DG  B C4    1 
ATOM   322 P P     . DC  B 2 5  ? -8.713  4.538   -6.124  1.00 43.65 ? 17 DC  B P     1 
ATOM   323 O OP1   . DC  B 2 5  ? -10.185 4.653   -6.223  1.00 46.69 ? 17 DC  B OP1   1 
ATOM   324 O OP2   . DC  B 2 5  ? -7.877  4.842   -7.297  1.00 35.80 ? 17 DC  B OP2   1 
ATOM   325 O "O5'" . DC  B 2 5  ? -8.247  5.457   -4.917  1.00 38.99 ? 17 DC  B "O5'" 1 
ATOM   326 C "C5'" . DC  B 2 5  ? -9.119  5.646   -3.789  1.00 34.10 ? 17 DC  B "C5'" 1 
ATOM   327 C "C4'" . DC  B 2 5  ? -8.371  5.533   -2.477  1.00 22.33 ? 17 DC  B "C4'" 1 
ATOM   328 O "O4'" . DC  B 2 5  ? -8.138  4.170   -2.072  1.00 12.87 ? 17 DC  B "O4'" 1 
ATOM   329 C "C3'" . DC  B 2 5  ? -7.044  6.268   -2.313  1.00 16.72 ? 17 DC  B "C3'" 1 
ATOM   330 O "O3'" . DC  B 2 5  ? -7.084  6.948   -1.060  1.00 13.17 ? 17 DC  B "O3'" 1 
ATOM   331 C "C2'" . DC  B 2 5  ? -6.033  5.139   -2.232  1.00 10.76 ? 17 DC  B "C2'" 1 
ATOM   332 C "C1'" . DC  B 2 5  ? -6.837  4.055   -1.545  1.00 5.67  ? 17 DC  B "C1'" 1 
ATOM   333 N N1    . DC  B 2 5  ? -6.384  2.666   -1.744  1.00 10.77 ? 17 DC  B N1    1 
ATOM   334 C C2    . DC  B 2 5  ? -6.398  1.778   -0.652  1.00 20.48 ? 17 DC  B C2    1 
ATOM   335 O O2    . DC  B 2 5  ? -6.830  2.169   0.442   1.00 28.85 ? 17 DC  B O2    1 
ATOM   336 N N3    . DC  B 2 5  ? -5.955  0.514   -0.821  1.00 14.81 ? 17 DC  B N3    1 
ATOM   337 C C4    . DC  B 2 5  ? -5.536  0.112   -2.022  1.00 16.71 ? 17 DC  B C4    1 
ATOM   338 N N4    . DC  B 2 5  ? -5.121  -1.157  -2.160  1.00 16.09 ? 17 DC  B N4    1 
ATOM   339 C C5    . DC  B 2 5  ? -5.527  0.985   -3.145  1.00 17.67 ? 17 DC  B C5    1 
ATOM   340 C C6    . DC  B 2 5  ? -5.954  2.241   -2.965  1.00 18.33 ? 17 DC  B C6    1 
ATOM   341 P P     . DC  B 2 6  ? -5.951  8.013   -0.686  1.00 31.81 ? 18 DC  B P     1 
ATOM   342 O OP1   . DC  B 2 6  ? -6.698  9.207   -0.249  1.00 41.29 ? 18 DC  B OP1   1 
ATOM   343 O OP2   . DC  B 2 6  ? -4.958  8.135   -1.782  1.00 21.20 ? 18 DC  B OP2   1 
ATOM   344 O "O5'" . DC  B 2 6  ? -5.237  7.350   0.569   1.00 18.50 ? 18 DC  B "O5'" 1 
ATOM   345 C "C5'" . DC  B 2 6  ? -5.056  5.930   0.612   1.00 31.18 ? 18 DC  B "C5'" 1 
ATOM   346 C "C4'" . DC  B 2 6  ? -3.920  5.570   1.538   1.00 43.30 ? 18 DC  B "C4'" 1 
ATOM   347 O "O4'" . DC  B 2 6  ? -3.533  4.188   1.303   1.00 37.12 ? 18 DC  B "O4'" 1 
ATOM   348 C "C3'" . DC  B 2 6  ? -2.669  6.408   1.272   1.00 45.68 ? 18 DC  B "C3'" 1 
ATOM   349 O "O3'" . DC  B 2 6  ? -1.948  6.523   2.499   1.00 52.10 ? 18 DC  B "O3'" 1 
ATOM   350 C "C2'" . DC  B 2 6  ? -1.854  5.517   0.351   1.00 37.73 ? 18 DC  B "C2'" 1 
ATOM   351 C "C1'" . DC  B 2 6  ? -2.182  4.133   0.890   1.00 31.03 ? 18 DC  B "C1'" 1 
ATOM   352 N N1    . DC  B 2 6  ? -2.048  3.045   -0.085  1.00 30.45 ? 18 DC  B N1    1 
ATOM   353 C C2    . DC  B 2 6  ? -2.122  1.734   0.375   1.00 31.68 ? 18 DC  B C2    1 
ATOM   354 O O2    . DC  B 2 6  ? -2.284  1.537   1.591   1.00 35.20 ? 18 DC  B O2    1 
ATOM   355 N N3    . DC  B 2 6  ? -2.018  0.721   -0.510  1.00 31.20 ? 18 DC  B N3    1 
ATOM   356 C C4    . DC  B 2 6  ? -1.853  0.984   -1.809  1.00 26.46 ? 18 DC  B C4    1 
ATOM   357 N N4    . DC  B 2 6  ? -1.787  -0.047  -2.653  1.00 27.00 ? 18 DC  B N4    1 
ATOM   358 C C5    . DC  B 2 6  ? -1.758  2.311   -2.301  1.00 12.27 ? 18 DC  B C5    1 
ATOM   359 C C6    . DC  B 2 6  ? -1.858  3.303   -1.414  1.00 26.27 ? 18 DC  B C6    1 
ATOM   360 P P     . DG  B 2 7  ? -2.047  7.851   3.382   1.00 52.33 ? 19 DG  B P     1 
ATOM   361 O OP1   . DG  B 2 7  ? -3.433  7.942   3.888   1.00 44.73 ? 19 DG  B OP1   1 
ATOM   362 O OP2   . DG  B 2 7  ? -1.453  8.996   2.648   1.00 49.80 ? 19 DG  B OP2   1 
ATOM   363 O "O5'" . DG  B 2 7  ? -1.104  7.475   4.601   1.00 44.51 ? 19 DG  B "O5'" 1 
ATOM   364 C "C5'" . DG  B 2 7  ? -1.416  6.345   5.423   1.00 26.15 ? 19 DG  B "C5'" 1 
ATOM   365 C "C4'" . DG  B 2 7  ? -0.244  5.394   5.520   1.00 22.84 ? 19 DG  B "C4'" 1 
ATOM   366 O "O4'" . DG  B 2 7  ? -0.148  4.499   4.389   1.00 34.26 ? 19 DG  B "O4'" 1 
ATOM   367 C "C3'" . DG  B 2 7  ? 1.147   5.987   5.717   1.00 27.47 ? 19 DG  B "C3'" 1 
ATOM   368 O "O3'" . DG  B 2 7  ? 1.816   5.180   6.669   1.00 31.95 ? 19 DG  B "O3'" 1 
ATOM   369 C "C2'" . DG  B 2 7  ? 1.826   5.739   4.377   1.00 26.86 ? 19 DG  B "C2'" 1 
ATOM   370 C "C1'" . DG  B 2 7  ? 1.201   4.424   3.947   1.00 13.79 ? 19 DG  B "C1'" 1 
ATOM   371 N N9    . DG  B 2 7  ? 1.182   4.129   2.517   1.00 14.66 ? 19 DG  B N9    1 
ATOM   372 C C8    . DG  B 2 7  ? 0.800   4.968   1.495   1.00 16.94 ? 19 DG  B C8    1 
ATOM   373 N N7    . DG  B 2 7  ? 0.776   4.373   0.327   1.00 22.40 ? 19 DG  B N7    1 
ATOM   374 C C5    . DG  B 2 7  ? 1.186   3.076   0.590   1.00 10.10 ? 19 DG  B C5    1 
ATOM   375 C C6    . DG  B 2 7  ? 1.319   1.962   -0.276  1.00 18.56 ? 19 DG  B C6    1 
ATOM   376 O O6    . DG  B 2 7  ? 1.043   1.878   -1.486  1.00 17.63 ? 19 DG  B O6    1 
ATOM   377 N N1    . DG  B 2 7  ? 1.794   0.841   0.399   1.00 19.50 ? 19 DG  B N1    1 
ATOM   378 C C2    . DG  B 2 7  ? 2.065   0.792   1.738   1.00 19.33 ? 19 DG  B C2    1 
ATOM   379 N N2    . DG  B 2 7  ? 2.480   -0.396  2.197   1.00 33.51 ? 19 DG  B N2    1 
ATOM   380 N N3    . DG  B 2 7  ? 1.930   1.819   2.564   1.00 20.78 ? 19 DG  B N3    1 
ATOM   381 C C4    . DG  B 2 7  ? 1.485   2.918   1.928   1.00 15.44 ? 19 DG  B C4    1 
ATOM   382 P P     . DG  B 2 8  ? 2.858   5.838   7.685   1.00 38.06 ? 20 DG  B P     1 
ATOM   383 O OP1   . DG  B 2 8  ? 2.133   5.913   8.980   1.00 41.58 ? 20 DG  B OP1   1 
ATOM   384 O OP2   . DG  B 2 8  ? 3.495   7.054   7.099   1.00 25.59 ? 20 DG  B OP2   1 
ATOM   385 O "O5'" . DG  B 2 8  ? 3.967   4.718   7.847   1.00 22.63 ? 20 DG  B "O5'" 1 
ATOM   386 C "C5'" . DG  B 2 8  ? 3.585   3.417   8.253   1.00 33.21 ? 20 DG  B "C5'" 1 
ATOM   387 C "C4'" . DG  B 2 8  ? 4.518   2.399   7.653   1.00 32.42 ? 20 DG  B "C4'" 1 
ATOM   388 O "O4'" . DG  B 2 8  ? 4.355   2.349   6.213   1.00 35.70 ? 20 DG  B "O4'" 1 
ATOM   389 C "C3'" . DG  B 2 8  ? 5.992   2.678   7.909   1.00 34.19 ? 20 DG  B "C3'" 1 
ATOM   390 O "O3'" . DG  B 2 8  ? 6.617   1.432   8.209   1.00 46.50 ? 20 DG  B "O3'" 1 
ATOM   391 C "C2'" . DG  B 2 8  ? 6.482   3.250   6.587   1.00 36.61 ? 20 DG  B "C2'" 1 
ATOM   392 C "C1'" . DG  B 2 8  ? 5.604   2.536   5.565   1.00 34.70 ? 20 DG  B "C1'" 1 
ATOM   393 N N9    . DG  B 2 8  ? 5.368   3.237   4.298   1.00 32.05 ? 20 DG  B N9    1 
ATOM   394 C C8    . DG  B 2 8  ? 5.217   4.593   4.112   1.00 36.10 ? 20 DG  B C8    1 
ATOM   395 N N7    . DG  B 2 8  ? 5.058   4.929   2.857   1.00 23.34 ? 20 DG  B N7    1 
ATOM   396 C C5    . DG  B 2 8  ? 5.092   3.723   2.172   1.00 24.15 ? 20 DG  B C5    1 
ATOM   397 C C6    . DG  B 2 8  ? 4.986   3.458   0.786   1.00 19.12 ? 20 DG  B C6    1 
ATOM   398 O O6    . DG  B 2 8  ? 4.824   4.260   -0.140  1.00 30.93 ? 20 DG  B O6    1 
ATOM   399 N N1    . DG  B 2 8  ? 5.098   2.100   0.516   1.00 24.78 ? 20 DG  B N1    1 
ATOM   400 C C2    . DG  B 2 8  ? 5.299   1.120   1.458   1.00 28.19 ? 20 DG  B C2    1 
ATOM   401 N N2    . DG  B 2 8  ? 5.441   -0.132  0.993   1.00 22.66 ? 20 DG  B N2    1 
ATOM   402 N N3    . DG  B 2 8  ? 5.376   1.351   2.759   1.00 26.86 ? 20 DG  B N3    1 
ATOM   403 C C4    . DG  B 2 8  ? 5.273   2.667   3.045   1.00 29.42 ? 20 DG  B C4    1 
ATOM   404 P P     . DC  B 2 9  ? 8.203   1.363   8.407   1.00 50.12 ? 21 DC  B P     1 
ATOM   405 O OP1   . DC  B 2 9  ? 8.487   0.417   9.514   1.00 49.81 ? 21 DC  B OP1   1 
ATOM   406 O OP2   . DC  B 2 9  ? 8.768   2.740   8.435   1.00 56.73 ? 21 DC  B OP2   1 
ATOM   407 O "O5'" . DC  B 2 9  ? 8.684   0.651   7.084   1.00 35.01 ? 21 DC  B "O5'" 1 
ATOM   408 C "C5'" . DC  B 2 9  ? 8.246   -0.664  6.805   1.00 41.88 ? 21 DC  B "C5'" 1 
ATOM   409 C "C4'" . DC  B 2 9  ? 8.792   -1.087  5.471   1.00 46.03 ? 21 DC  B "C4'" 1 
ATOM   410 O "O4'" . DC  B 2 9  ? 8.265   -0.209  4.464   1.00 50.60 ? 21 DC  B "O4'" 1 
ATOM   411 C "C3'" . DC  B 2 9  ? 10.296  -0.919  5.392   1.00 45.61 ? 21 DC  B "C3'" 1 
ATOM   412 O "O3'" . DC  B 2 9  ? 10.881  -2.136  5.856   1.00 52.94 ? 21 DC  B "O3'" 1 
ATOM   413 C "C2'" . DC  B 2 9  ? 10.527  -0.676  3.911   1.00 44.04 ? 21 DC  B "C2'" 1 
ATOM   414 C "C1'" . DC  B 2 9  ? 9.215   -0.055  3.432   1.00 44.56 ? 21 DC  B "C1'" 1 
ATOM   415 N N1    . DC  B 2 9  ? 9.196   1.353   3.003   1.00 38.42 ? 21 DC  B N1    1 
ATOM   416 C C2    . DC  B 2 9  ? 9.514   1.635   1.686   1.00 33.77 ? 21 DC  B C2    1 
ATOM   417 O O2    . DC  B 2 9  ? 9.877   0.706   0.955   1.00 44.66 ? 21 DC  B O2    1 
ATOM   418 N N3    . DC  B 2 9  ? 9.433   2.910   1.239   1.00 32.26 ? 21 DC  B N3    1 
ATOM   419 C C4    . DC  B 2 9  ? 9.077   3.890   2.073   1.00 30.13 ? 21 DC  B C4    1 
ATOM   420 N N4    . DC  B 2 9  ? 9.016   5.133   1.587   1.00 32.68 ? 21 DC  B N4    1 
ATOM   421 C C5    . DC  B 2 9  ? 8.771   3.635   3.439   1.00 29.51 ? 21 DC  B C5    1 
ATOM   422 C C6    . DC  B 2 9  ? 8.845   2.360   3.860   1.00 38.35 ? 21 DC  B C6    1 
ATOM   423 P P     . DG  B 2 10 ? 12.440  -2.186  6.221   1.00 62.18 ? 22 DG  B P     1 
ATOM   424 O OP1   . DG  B 2 10 ? 12.819  -3.619  6.358   1.00 53.52 ? 22 DG  B OP1   1 
ATOM   425 O OP2   . DG  B 2 10 ? 12.690  -1.235  7.349   1.00 55.06 ? 22 DG  B OP2   1 
ATOM   426 O "O5'" . DG  B 2 10 ? 13.136  -1.633  4.904   1.00 56.59 ? 22 DG  B "O5'" 1 
ATOM   427 C "C5'" . DG  B 2 10 ? 14.283  -2.280  4.348   1.00 53.93 ? 22 DG  B "C5'" 1 
ATOM   428 C "C4'" . DG  B 2 10 ? 13.917  -2.958  3.051   1.00 53.55 ? 22 DG  B "C4'" 1 
ATOM   429 O "O4'" . DG  B 2 10 ? 12.973  -2.145  2.307   1.00 52.55 ? 22 DG  B "O4'" 1 
ATOM   430 C "C3'" . DG  B 2 10 ? 15.116  -3.181  2.128   1.00 56.70 ? 22 DG  B "C3'" 1 
ATOM   431 O "O3'" . DG  B 2 10 ? 14.969  -4.422  1.431   1.00 60.48 ? 22 DG  B "O3'" 1 
ATOM   432 C "C2'" . DG  B 2 10 ? 14.996  -2.044  1.129   1.00 54.31 ? 22 DG  B "C2'" 1 
ATOM   433 C "C1'" . DG  B 2 10 ? 13.492  -1.921  1.005   1.00 51.46 ? 22 DG  B "C1'" 1 
ATOM   434 N N9    . DG  B 2 10 ? 12.987  -0.647  0.500   1.00 44.92 ? 22 DG  B N9    1 
ATOM   435 C C8    . DG  B 2 10 ? 12.527  -0.417  -0.777  1.00 49.45 ? 22 DG  B C8    1 
ATOM   436 N N7    . DG  B 2 10 ? 12.141  0.815   -0.972  1.00 38.02 ? 22 DG  B N7    1 
ATOM   437 C C5    . DG  B 2 10 ? 12.348  1.434   0.249   1.00 27.63 ? 22 DG  B C5    1 
ATOM   438 C C6    . DG  B 2 10 ? 12.106  2.749   0.631   1.00 28.73 ? 22 DG  B C6    1 
ATOM   439 O O6    . DG  B 2 10 ? 11.618  3.664   -0.044  1.00 27.43 ? 22 DG  B O6    1 
ATOM   440 N N1    . DG  B 2 10 ? 12.483  2.975   1.950   1.00 27.06 ? 22 DG  B N1    1 
ATOM   441 C C2    . DG  B 2 10 ? 13.023  2.041   2.792   1.00 30.32 ? 22 DG  B C2    1 
ATOM   442 N N2    . DG  B 2 10 ? 13.351  2.472   4.021   1.00 23.39 ? 22 DG  B N2    1 
ATOM   443 N N3    . DG  B 2 10 ? 13.233  0.780   2.450   1.00 29.46 ? 22 DG  B N3    1 
ATOM   444 C C4    . DG  B 2 10 ? 12.878  0.549   1.169   1.00 32.22 ? 22 DG  B C4    1 
ATOM   445 P P     . DG  B 2 11 ? 16.218  -5.038  0.620   1.00 65.93 ? 23 DG  B P     1 
ATOM   446 O OP1   . DG  B 2 11 ? 16.059  -6.520  0.652   1.00 68.60 ? 23 DG  B OP1   1 
ATOM   447 O OP2   . DG  B 2 11 ? 17.461  -4.414  1.145   1.00 67.47 ? 23 DG  B OP2   1 
ATOM   448 O "O5'" . DG  B 2 11 ? 16.005  -4.538  -0.877  1.00 50.17 ? 23 DG  B "O5'" 1 
ATOM   449 C "C5'" . DG  B 2 11 ? 15.644  -3.188  -1.133  1.00 41.31 ? 23 DG  B "C5'" 1 
ATOM   450 C "C4'" . DG  B 2 11 ? 15.883  -2.823  -2.578  1.00 43.92 ? 23 DG  B "C4'" 1 
ATOM   451 O "O4'" . DG  B 2 11 ? 15.574  -1.423  -2.692  1.00 49.34 ? 23 DG  B "O4'" 1 
ATOM   452 C "C3'" . DG  B 2 11 ? 17.326  -2.954  -3.049  1.00 48.21 ? 23 DG  B "C3'" 1 
ATOM   453 O "O3'" . DG  B 2 11 ? 17.311  -3.149  -4.472  1.00 58.07 ? 23 DG  B "O3'" 1 
ATOM   454 C "C2'" . DG  B 2 11 ? 17.928  -1.611  -2.683  1.00 49.43 ? 23 DG  B "C2'" 1 
ATOM   455 C "C1'" . DG  B 2 11 ? 16.758  -0.643  -2.757  1.00 54.88 ? 23 DG  B "C1'" 1 
ATOM   456 N N9    . DG  B 2 11 ? 16.702  0.321   -1.660  1.00 58.03 ? 23 DG  B N9    1 
ATOM   457 C C8    . DG  B 2 11 ? 17.240  0.194   -0.399  1.00 57.45 ? 23 DG  B C8    1 
ATOM   458 N N7    . DG  B 2 11 ? 16.991  1.221   0.370   1.00 51.31 ? 23 DG  B N7    1 
ATOM   459 C C5    . DG  B 2 11 ? 16.248  2.076   -0.430  1.00 54.76 ? 23 DG  B C5    1 
ATOM   460 C C6    . DG  B 2 11 ? 15.676  3.338   -0.138  1.00 58.15 ? 23 DG  B C6    1 
ATOM   461 O O6    . DG  B 2 11 ? 15.709  3.973   0.929   1.00 57.61 ? 23 DG  B O6    1 
ATOM   462 N N1    . DG  B 2 11 ? 15.006  3.861   -1.245  1.00 53.37 ? 23 DG  B N1    1 
ATOM   463 C C2    . DG  B 2 11 ? 14.902  3.243   -2.471  1.00 53.01 ? 23 DG  B C2    1 
ATOM   464 N N2    . DG  B 2 11 ? 14.248  3.907   -3.421  1.00 54.33 ? 23 DG  B N2    1 
ATOM   465 N N3    . DG  B 2 11 ? 15.415  2.061   -2.745  1.00 51.31 ? 23 DG  B N3    1 
ATOM   466 C C4    . DG  B 2 11 ? 16.070  1.539   -1.689  1.00 55.88 ? 23 DG  B C4    1 
ATOM   467 P P     . DT  B 2 12 ? 18.691  -3.203  -5.297  1.00 54.39 ? 24 DT  B P     1 
ATOM   468 O OP1   . DT  B 2 12 ? 18.463  -3.993  -6.537  1.00 54.02 ? 24 DT  B OP1   1 
ATOM   469 O OP2   . DT  B 2 12 ? 19.744  -3.629  -4.335  1.00 53.86 ? 24 DT  B OP2   1 
ATOM   470 O "O5'" . DT  B 2 12 ? 18.932  -1.691  -5.745  1.00 53.56 ? 24 DT  B "O5'" 1 
ATOM   471 C "C5'" . DT  B 2 12 ? 18.286  -1.161  -6.930  1.00 48.62 ? 24 DT  B "C5'" 1 
ATOM   472 C "C4'" . DT  B 2 12 ? 18.389  0.351   -6.978  1.00 39.14 ? 24 DT  B "C4'" 1 
ATOM   473 O "O4'" . DT  B 2 12 ? 17.949  0.920   -5.738  1.00 27.16 ? 24 DT  B "O4'" 1 
ATOM   474 C "C3'" . DT  B 2 12 ? 19.761  0.971   -7.181  1.00 36.14 ? 24 DT  B "C3'" 1 
ATOM   475 O "O3'" . DT  B 2 12 ? 20.180  0.832   -8.540  1.00 50.77 ? 24 DT  B "O3'" 1 
ATOM   476 C "C2'" . DT  B 2 12 ? 19.557  2.386   -6.679  1.00 29.21 ? 24 DT  B "C2'" 1 
ATOM   477 C "C1'" . DT  B 2 12 ? 18.408  2.254   -5.688  1.00 21.64 ? 24 DT  B "C1'" 1 
ATOM   478 N N1    . DT  B 2 12 ? 18.644  2.610   -4.279  1.00 25.24 ? 24 DT  B N1    1 
ATOM   479 C C2    . DT  B 2 12 ? 18.269  3.876   -3.892  1.00 29.80 ? 24 DT  B C2    1 
ATOM   480 O O2    . DT  B 2 12 ? 17.839  4.715   -4.672  1.00 45.18 ? 24 DT  B O2    1 
ATOM   481 N N3    . DT  B 2 12 ? 18.414  4.134   -2.555  1.00 16.97 ? 24 DT  B N3    1 
ATOM   482 C C4    . DT  B 2 12 ? 18.888  3.283   -1.592  1.00 16.16 ? 24 DT  B C4    1 
ATOM   483 O O4    . DT  B 2 12 ? 18.903  3.637   -0.422  1.00 19.45 ? 24 DT  B O4    1 
ATOM   484 C C5    . DT  B 2 12 ? 19.320  2.000   -2.066  1.00 15.43 ? 24 DT  B C5    1 
ATOM   485 C C7    . DT  B 2 12 ? 19.913  1.042   -1.082  1.00 19.38 ? 24 DT  B C7    1 
ATOM   486 C C6    . DT  B 2 12 ? 19.177  1.720   -3.373  1.00 12.50 ? 24 DT  B C6    1 
HETATM 487 O O     . HOH C 3 .  ? -5.510  3.732   5.534   1.00 60.19 ? 26 HOH A O     1 
HETATM 488 O O     . HOH C 3 .  ? -7.878  -1.472  19.179  0.42 2.00  ? 27 HOH A O     1 
HETATM 489 O O     . HOH C 3 .  ? 6.570   -7.563  1.888   1.00 33.41 ? 28 HOH A O     1 
HETATM 490 O O     . HOH C 3 .  ? 3.233   -4.833  -9.587  0.79 32.84 ? 29 HOH A O     1 
HETATM 491 O O     . HOH C 3 .  ? 12.318  3.625   -15.571 0.56 16.65 ? 30 HOH A O     1 
HETATM 492 O O     . HOH C 3 .  ? 14.695  6.496   -9.217  1.00 19.24 ? 32 HOH A O     1 
HETATM 493 O O     . HOH C 3 .  ? 5.299   -11.254 -5.732  0.75 21.60 ? 33 HOH A O     1 
HETATM 494 O O     . HOH C 3 .  ? 9.720   -3.118  -2.928  0.83 63.84 ? 34 HOH A O     1 
HETATM 495 O O     . HOH C 3 .  ? -11.251 4.224   2.204   1.00 35.58 ? 37 HOH A O     1 
HETATM 496 O O     . HOH C 3 .  ? 3.026   -2.473  -10.764 0.95 15.69 ? 38 HOH A O     1 
HETATM 497 O O     . HOH C 3 .  ? 20.655  9.290   7.018   0.70 26.49 ? 40 HOH A O     1 
HETATM 498 O O     . HOH C 3 .  ? 7.781   -9.796  -9.382  0.79 35.76 ? 41 HOH A O     1 
HETATM 499 O O     . HOH C 3 .  ? -21.226 -2.394  -3.616  0.70 16.26 ? 44 HOH A O     1 
HETATM 500 O O     . HOH C 3 .  ? 6.816   12.394  -4.964  1.00 50.57 ? 45 HOH A O     1 
HETATM 501 O O     . HOH C 3 .  ? -15.066 2.442   -0.166  0.46 7.84  ? 49 HOH A O     1 
HETATM 502 O O     . HOH C 3 .  ? -10.239 -8.415  5.900   0.57 9.14  ? 50 HOH A O     1 
HETATM 503 O O     . HOH C 3 .  ? -4.379  -9.848  20.338  0.88 28.93 ? 51 HOH A O     1 
HETATM 504 O O     . HOH C 3 .  ? 14.951  3.854   -8.274  0.78 7.94  ? 53 HOH A O     1 
HETATM 505 O O     . HOH C 3 .  ? -3.513  1.322   6.167   0.96 13.47 ? 55 HOH A O     1 
HETATM 506 O O     . HOH C 3 .  ? -6.750  -9.034  7.770   0.45 11.37 ? 56 HOH A O     1 
HETATM 507 O O     . HOH C 3 .  ? -11.597 -6.181  6.746   0.98 12.37 ? 57 HOH A O     1 
HETATM 508 O O     . HOH C 3 .  ? 3.997   -2.589  5.304   0.76 27.60 ? 59 HOH A O     1 
HETATM 509 O O     . HOH C 3 .  ? 4.165   -3.581  2.488   0.46 5.39  ? 62 HOH A O     1 
HETATM 510 O O     . HOH C 3 .  ? -7.202  -8.303  0.825   0.64 8.45  ? 64 HOH A O     1 
HETATM 511 O O     . HOH C 3 .  ? -12.307 2.465   -1.008  0.67 21.73 ? 67 HOH A O     1 
HETATM 512 O O     . HOH C 3 .  ? -21.861 2.412   -6.369  0.88 52.19 ? 68 HOH A O     1 
HETATM 513 O O     . HOH C 3 .  ? -0.597  -11.050 16.908  0.52 2.00  ? 71 HOH A O     1 
HETATM 514 O O     . HOH C 3 .  ? -7.520  2.567   3.983   0.69 2.00  ? 74 HOH A O     1 
HETATM 515 O O     . HOH C 3 .  ? 14.788  8.137   -6.861  0.87 26.87 ? 75 HOH A O     1 
HETATM 516 O O     . HOH D 3 .  ? -1.027  13.505  6.911   0.80 36.93 ? 25 HOH B O     1 
HETATM 517 O O     . HOH D 3 .  ? 12.782  5.787   4.658   0.99 19.31 ? 31 HOH B O     1 
HETATM 518 O O     . HOH D 3 .  ? 16.059  -6.324  -2.836  0.64 32.74 ? 35 HOH B O     1 
HETATM 519 O O     . HOH D 3 .  ? 18.573  1.163   6.978   0.79 42.64 ? 36 HOH B O     1 
HETATM 520 O O     . HOH D 3 .  ? -14.657 -2.833  -8.569  0.61 13.36 ? 39 HOH B O     1 
HETATM 521 O O     . HOH D 3 .  ? -13.567 -13.602 4.570   0.72 17.20 ? 42 HOH B O     1 
HETATM 522 O O     . HOH D 3 .  ? 20.381  3.191   2.405   0.96 8.68  ? 43 HOH B O     1 
HETATM 523 O O     . HOH D 3 .  ? -15.876 0.699   -5.469  1.00 31.24 ? 46 HOH B O     1 
HETATM 524 O O     . HOH D 3 .  ? -11.563 7.432   -0.904  0.96 20.79 ? 47 HOH B O     1 
HETATM 525 O O     . HOH D 3 .  ? -3.324  -1.759  -4.124  0.97 22.38 ? 48 HOH B O     1 
HETATM 526 O O     . HOH D 3 .  ? 21.401  -1.101  4.340   0.56 7.90  ? 52 HOH B O     1 
HETATM 527 O O     . HOH D 3 .  ? 21.090  3.632   5.401   0.70 11.52 ? 54 HOH B O     1 
HETATM 528 O O     . HOH D 3 .  ? 13.586  -8.204  6.330   0.60 9.54  ? 58 HOH B O     1 
HETATM 529 O O     . HOH D 3 .  ? 11.912  -2.046  -4.937  0.56 5.57  ? 60 HOH B O     1 
HETATM 530 O O     . HOH D 3 .  ? 1.550   -1.096  7.414   1.00 20.96 ? 61 HOH B O     1 
HETATM 531 O O     . HOH D 3 .  ? -1.804  7.386   -2.311  0.90 32.71 ? 63 HOH B O     1 
HETATM 532 O O     . HOH D 3 .  ? 4.110   7.762   4.436   0.57 15.19 ? 65 HOH B O     1 
HETATM 533 O O     . HOH D 3 .  ? -10.451 -12.960 0.669   1.00 54.83 ? 66 HOH B O     1 
HETATM 534 O O     . HOH D 3 .  ? -16.262 -4.086  -4.028  1.00 28.52 ? 69 HOH B O     1 
HETATM 535 O O     . HOH D 3 .  ? 14.114  -8.350  -0.876  0.57 7.96  ? 70 HOH B O     1 
HETATM 536 O O     . HOH D 3 .  ? 15.955  1.648   5.286   1.00 29.76 ? 72 HOH B O     1 
HETATM 537 O O     . HOH D 3 .  ? -4.427  16.857  6.042   0.95 25.45 ? 73 HOH B O     1 
HETATM 538 O O     . HOH D 3 .  ? -8.571  8.238   4.566   0.45 2.00  ? 76 HOH B O     1 
# 
